data_5E0B
#
_entry.id   5E0B
#
_cell.length_a   88.205
_cell.length_b   101.510
_cell.length_c   162.998
_cell.angle_alpha   90.00
_cell.angle_beta   90.00
_cell.angle_gamma   90.00
#
_symmetry.space_group_name_H-M   'I 2 2 2'
#
loop_
_entity.id
_entity.type
_entity.pdbx_description
1 polymer 'Peptidoglycan recognition protein 1'
2 non-polymer 'L(+)-TARTARIC ACID'
3 non-polymer 'N-acetyl-beta-muramic acid'
4 non-polymer GLYCEROL
5 water water
#
_entity_poly.entity_id   1
_entity_poly.type   'polypeptide(L)'
_entity_poly.pdbx_seq_one_letter_code
;EDPPACGSIVPRREWRALASECRERLTRPVRYVVVSHTAGSHCDTPASCAQQAQNVQSYHVRNLGWCDVGYNFLIGEDGL
VYEGRGWNIKGAHAGPTWNPISIGISFMGNYMNRVPPPRALRAAQNLLACGVALGALRSNYEVKGHRDVQPTLSPGDRLY
EIIQTWSHYRA
;
_entity_poly.pdbx_strand_id   A,B,C,D
#
# COMPACT_ATOMS: atom_id res chain seq x y z
N GLU A 1 -8.67 -14.09 15.42
CA GLU A 1 -7.33 -13.94 14.80
C GLU A 1 -6.59 -12.77 15.44
N ASP A 2 -6.85 -11.62 14.85
CA ASP A 2 -6.31 -10.34 15.27
C ASP A 2 -7.49 -9.39 14.94
N PRO A 3 -8.26 -8.99 15.97
CA PRO A 3 -9.40 -8.10 15.74
C PRO A 3 -9.10 -6.62 16.00
N PRO A 4 -9.40 -5.74 15.01
CA PRO A 4 -9.16 -4.30 15.16
C PRO A 4 -10.51 -3.55 15.32
N ALA A 5 -10.60 -2.66 16.31
CA ALA A 5 -11.80 -1.86 16.50
C ALA A 5 -11.67 -0.85 15.36
N CYS A 6 -11.67 -1.37 14.13
CA CYS A 6 -11.44 -0.51 12.97
C CYS A 6 -12.59 0.21 12.28
N GLY A 7 -12.34 1.48 12.01
CA GLY A 7 -13.29 2.33 11.32
C GLY A 7 -14.63 2.49 11.99
N SER A 8 -15.43 3.39 11.42
CA SER A 8 -16.76 3.70 11.90
C SER A 8 -17.69 3.48 10.73
N ILE A 9 -18.34 2.33 10.75
CA ILE A 9 -19.27 1.95 9.72
C ILE A 9 -20.71 2.07 10.24
N VAL A 10 -21.57 2.70 9.45
CA VAL A 10 -22.96 2.79 9.88
C VAL A 10 -23.49 1.41 9.51
N PRO A 11 -23.79 0.60 10.54
CA PRO A 11 -24.28 -0.75 10.35
C PRO A 11 -25.68 -0.84 9.73
N ARG A 12 -25.92 -1.93 9.02
CA ARG A 12 -27.19 -2.18 8.35
C ARG A 12 -28.38 -1.68 9.13
N ARG A 13 -28.61 -2.26 10.31
CA ARG A 13 -29.76 -1.87 11.13
C ARG A 13 -29.95 -0.37 11.21
N GLU A 14 -28.85 0.37 11.38
CA GLU A 14 -28.94 1.82 11.52
C GLU A 14 -29.51 2.59 10.33
N TRP A 15 -29.09 2.30 9.10
CA TRP A 15 -29.72 3.04 8.03
C TRP A 15 -31.06 2.41 7.64
N ARG A 16 -31.54 1.51 8.50
CA ARG A 16 -32.81 0.78 8.36
C ARG A 16 -32.98 -0.05 7.09
N ALA A 17 -31.93 -0.80 6.76
CA ALA A 17 -31.94 -1.63 5.56
C ALA A 17 -32.79 -2.89 5.68
N LEU A 18 -33.31 -3.33 4.55
CA LEU A 18 -34.09 -4.55 4.52
C LEU A 18 -33.02 -5.63 4.73
N ALA A 19 -33.41 -6.75 5.32
CA ALA A 19 -32.47 -7.84 5.57
C ALA A 19 -31.90 -8.42 4.27
N SER A 20 -30.70 -8.96 4.35
CA SER A 20 -30.06 -9.55 3.19
C SER A 20 -30.50 -11.00 3.00
N GLU A 21 -30.51 -11.44 1.74
CA GLU A 21 -30.88 -12.81 1.41
C GLU A 21 -29.68 -13.40 0.67
N CYS A 22 -28.57 -12.69 0.70
CA CYS A 22 -27.34 -13.16 0.04
C CYS A 22 -26.68 -14.18 0.95
N ARG A 23 -26.07 -15.21 0.38
CA ARG A 23 -25.39 -16.19 1.20
C ARG A 23 -23.99 -16.59 0.66
N GLU A 24 -23.70 -16.22 -0.61
CA GLU A 24 -22.41 -16.53 -1.24
C GLU A 24 -21.24 -15.65 -0.74
N ARG A 25 -20.18 -16.32 -0.29
CA ARG A 25 -19.03 -15.61 0.26
C ARG A 25 -17.84 -15.36 -0.66
N LEU A 26 -17.03 -14.38 -0.28
CA LEU A 26 -15.83 -14.01 -1.01
C LEU A 26 -14.69 -14.72 -0.32
N THR A 27 -13.62 -14.98 -1.04
CA THR A 27 -12.52 -15.67 -0.42
C THR A 27 -11.53 -14.68 0.16
N ARG A 28 -11.35 -14.72 1.49
CA ARG A 28 -10.40 -13.85 2.17
C ARG A 28 -9.01 -14.41 1.86
N PRO A 29 -8.06 -13.55 1.56
CA PRO A 29 -8.29 -12.10 1.52
C PRO A 29 -8.53 -11.70 0.06
N VAL A 30 -9.28 -10.64 -0.15
CA VAL A 30 -9.59 -10.16 -1.48
C VAL A 30 -8.48 -9.25 -2.03
N ARG A 31 -8.20 -9.41 -3.32
CA ARG A 31 -7.16 -8.66 -4.01
C ARG A 31 -7.62 -7.37 -4.70
N TYR A 32 -8.88 -7.27 -5.08
CA TYR A 32 -9.37 -6.09 -5.80
C TYR A 32 -10.46 -5.25 -5.14
N VAL A 33 -10.47 -3.95 -5.45
CA VAL A 33 -11.48 -3.04 -4.95
C VAL A 33 -11.92 -2.22 -6.14
N VAL A 34 -13.20 -2.29 -6.45
CA VAL A 34 -13.73 -1.54 -7.58
C VAL A 34 -14.52 -0.37 -7.03
N VAL A 35 -14.12 0.83 -7.45
CA VAL A 35 -14.76 2.05 -7.00
C VAL A 35 -15.74 2.52 -8.07
N SER A 36 -16.95 2.83 -7.65
CA SER A 36 -18.02 3.28 -8.53
C SER A 36 -18.78 4.42 -7.85
N HIS A 37 -19.72 5.01 -8.58
CA HIS A 37 -20.55 6.04 -8.01
C HIS A 37 -21.96 5.52 -8.30
N THR A 38 -22.95 5.99 -7.55
CA THR A 38 -24.31 5.52 -7.72
C THR A 38 -25.02 6.25 -8.84
N ALA A 39 -24.47 7.39 -9.22
CA ALA A 39 -25.04 8.20 -10.28
C ALA A 39 -26.44 8.65 -9.85
N GLY A 40 -26.72 8.49 -8.56
CA GLY A 40 -28.00 8.89 -8.03
C GLY A 40 -27.81 10.19 -7.29
N SER A 41 -28.70 10.49 -6.35
CA SER A 41 -28.65 11.72 -5.57
C SER A 41 -27.57 11.68 -4.53
N HIS A 42 -27.10 12.85 -4.13
CA HIS A 42 -26.08 12.86 -3.09
C HIS A 42 -26.75 13.34 -1.81
N CYS A 43 -26.03 13.28 -0.71
CA CYS A 43 -26.58 13.65 0.59
C CYS A 43 -25.41 14.12 1.42
N ASP A 44 -25.64 15.08 2.32
CA ASP A 44 -24.53 15.57 3.13
C ASP A 44 -24.84 15.61 4.61
N THR A 45 -25.71 14.71 5.07
CA THR A 45 -26.05 14.64 6.49
C THR A 45 -26.34 13.18 6.76
N PRO A 46 -26.05 12.72 7.98
CA PRO A 46 -26.29 11.32 8.35
C PRO A 46 -27.74 10.95 8.07
N ALA A 47 -28.62 11.89 8.36
CA ALA A 47 -30.04 11.71 8.16
C ALA A 47 -30.40 11.53 6.68
N SER A 48 -29.83 12.38 5.83
CA SER A 48 -30.11 12.30 4.41
C SER A 48 -29.41 11.12 3.76
N CYS A 49 -28.19 10.84 4.20
CA CYS A 49 -27.45 9.74 3.62
C CYS A 49 -28.01 8.37 4.01
N ALA A 50 -28.58 8.26 5.19
CA ALA A 50 -29.14 6.99 5.60
C ALA A 50 -30.31 6.71 4.66
N GLN A 51 -31.12 7.73 4.44
CA GLN A 51 -32.25 7.59 3.55
C GLN A 51 -31.73 7.07 2.22
N GLN A 52 -30.77 7.80 1.66
CA GLN A 52 -30.15 7.45 0.38
C GLN A 52 -29.66 6.01 0.30
N ALA A 53 -29.03 5.53 1.36
CA ALA A 53 -28.54 4.16 1.38
C ALA A 53 -29.72 3.21 1.20
N GLN A 54 -30.82 3.53 1.86
CA GLN A 54 -32.04 2.73 1.80
C GLN A 54 -32.65 2.75 0.40
N ASN A 55 -32.52 3.89 -0.30
CA ASN A 55 -33.04 4.05 -1.67
C ASN A 55 -32.31 3.16 -2.66
N VAL A 56 -30.99 3.14 -2.57
CA VAL A 56 -30.17 2.32 -3.45
C VAL A 56 -30.45 0.86 -3.18
N GLN A 57 -30.43 0.44 -1.91
CA GLN A 57 -30.72 -0.94 -1.59
C GLN A 57 -32.10 -1.26 -2.17
N SER A 58 -33.05 -0.37 -1.91
CA SER A 58 -34.42 -0.52 -2.38
C SER A 58 -34.47 -0.76 -3.89
N TYR A 59 -33.69 0.02 -4.63
CA TYR A 59 -33.67 -0.12 -6.08
C TYR A 59 -33.13 -1.48 -6.52
N HIS A 60 -32.02 -1.89 -5.92
CA HIS A 60 -31.38 -3.18 -6.25
C HIS A 60 -32.20 -4.40 -5.90
N VAL A 61 -32.95 -4.34 -4.79
CA VAL A 61 -33.77 -5.49 -4.39
C VAL A 61 -35.14 -5.46 -5.05
N ARG A 62 -35.96 -4.47 -4.70
CA ARG A 62 -37.30 -4.35 -5.27
C ARG A 62 -37.33 -4.22 -6.81
N ASN A 63 -36.28 -3.71 -7.43
CA ASN A 63 -36.29 -3.53 -8.89
C ASN A 63 -35.39 -4.39 -9.78
N LEU A 64 -34.17 -4.68 -9.33
CA LEU A 64 -33.27 -5.49 -10.15
C LEU A 64 -33.25 -6.92 -9.60
N GLY A 65 -34.01 -7.14 -8.53
CA GLY A 65 -34.11 -8.46 -7.93
C GLY A 65 -32.88 -9.09 -7.33
N TRP A 66 -31.96 -8.32 -6.77
CA TRP A 66 -30.79 -8.94 -6.14
C TRP A 66 -31.03 -9.18 -4.65
N CYS A 67 -30.25 -10.07 -4.06
CA CYS A 67 -30.37 -10.46 -2.64
C CYS A 67 -30.08 -9.38 -1.61
N ASP A 68 -29.57 -8.23 -2.02
CA ASP A 68 -29.29 -7.16 -1.08
C ASP A 68 -28.68 -6.05 -1.91
N VAL A 69 -28.39 -4.89 -1.31
CA VAL A 69 -27.79 -3.80 -2.05
C VAL A 69 -26.56 -4.40 -2.78
N GLY A 70 -26.31 -3.99 -4.02
CA GLY A 70 -25.19 -4.56 -4.77
C GLY A 70 -23.78 -4.30 -4.29
N TYR A 71 -23.57 -3.12 -3.71
CA TYR A 71 -22.27 -2.71 -3.20
C TYR A 71 -21.94 -3.31 -1.82
N ASN A 72 -20.65 -3.47 -1.54
CA ASN A 72 -20.22 -4.01 -0.26
C ASN A 72 -20.28 -2.91 0.80
N PHE A 73 -20.07 -1.68 0.34
CA PHE A 73 -20.10 -0.49 1.19
C PHE A 73 -20.43 0.68 0.30
N LEU A 74 -21.05 1.70 0.89
CA LEU A 74 -21.38 2.92 0.18
C LEU A 74 -20.78 4.04 1.01
N ILE A 75 -20.34 5.10 0.34
CA ILE A 75 -19.73 6.24 1.00
C ILE A 75 -20.65 7.43 0.88
N GLY A 76 -20.81 8.19 1.95
CA GLY A 76 -21.66 9.35 1.90
C GLY A 76 -20.82 10.62 1.89
N GLU A 77 -21.40 11.72 1.44
CA GLU A 77 -20.67 12.99 1.43
C GLU A 77 -20.74 13.58 2.83
N ASP A 78 -21.45 12.86 3.70
CA ASP A 78 -21.61 13.27 5.08
C ASP A 78 -20.32 12.79 5.75
N GLY A 79 -19.47 12.15 4.95
CA GLY A 79 -18.21 11.64 5.43
C GLY A 79 -18.34 10.32 6.17
N LEU A 80 -19.46 9.64 6.02
CA LEU A 80 -19.63 8.36 6.71
C LEU A 80 -19.62 7.18 5.76
N VAL A 81 -19.22 6.01 6.26
CA VAL A 81 -19.20 4.78 5.47
C VAL A 81 -20.47 4.02 5.83
N TYR A 82 -21.16 3.54 4.80
CA TYR A 82 -22.39 2.80 5.00
C TYR A 82 -22.19 1.31 4.73
N GLU A 83 -22.73 0.48 5.60
CA GLU A 83 -22.58 -0.95 5.42
C GLU A 83 -23.50 -1.54 4.35
N GLY A 84 -22.85 -2.20 3.39
CA GLY A 84 -23.52 -2.86 2.30
C GLY A 84 -23.50 -4.34 2.62
N ARG A 85 -22.99 -5.15 1.70
CA ARG A 85 -22.94 -6.59 1.96
C ARG A 85 -21.74 -6.91 2.83
N GLY A 86 -20.91 -5.90 3.07
CA GLY A 86 -19.72 -6.07 3.90
C GLY A 86 -18.54 -6.79 3.25
N TRP A 87 -17.56 -7.14 4.08
CA TRP A 87 -16.33 -7.80 3.66
C TRP A 87 -16.41 -9.27 3.22
N ASN A 88 -17.36 -10.01 3.77
CA ASN A 88 -17.47 -11.43 3.49
C ASN A 88 -18.40 -11.95 2.38
N ILE A 89 -19.38 -11.14 1.98
CA ILE A 89 -20.34 -11.55 0.95
C ILE A 89 -20.12 -10.90 -0.43
N LYS A 90 -20.16 -11.72 -1.48
CA LYS A 90 -19.97 -11.20 -2.84
C LYS A 90 -21.06 -10.21 -3.22
N GLY A 91 -20.67 -9.12 -3.87
CA GLY A 91 -21.63 -8.13 -4.28
C GLY A 91 -21.95 -8.29 -5.76
N ALA A 92 -22.75 -7.37 -6.28
CA ALA A 92 -23.13 -7.34 -7.69
C ALA A 92 -22.91 -5.88 -8.04
N HIS A 93 -21.77 -5.58 -8.61
CA HIS A 93 -21.46 -4.23 -8.90
C HIS A 93 -20.63 -4.12 -10.14
N ALA A 94 -20.07 -5.20 -10.65
CA ALA A 94 -19.12 -5.06 -11.72
C ALA A 94 -19.12 -6.14 -12.75
N GLY A 95 -20.21 -6.85 -12.85
CA GLY A 95 -20.27 -7.94 -13.81
C GLY A 95 -19.84 -9.24 -13.15
N PRO A 96 -20.00 -10.39 -13.84
CA PRO A 96 -19.65 -11.72 -13.34
C PRO A 96 -18.16 -12.10 -13.26
N THR A 97 -17.30 -11.40 -13.97
CA THR A 97 -15.87 -11.72 -13.91
C THR A 97 -15.29 -11.11 -12.64
N TRP A 98 -15.61 -9.84 -12.45
CA TRP A 98 -15.10 -9.10 -11.32
C TRP A 98 -15.82 -9.16 -9.99
N ASN A 99 -17.08 -9.62 -9.94
CA ASN A 99 -17.76 -9.67 -8.66
C ASN A 99 -17.22 -10.72 -7.69
N PRO A 100 -16.89 -11.91 -8.19
CA PRO A 100 -16.38 -12.98 -7.35
C PRO A 100 -14.99 -12.77 -6.75
N ILE A 101 -14.30 -11.71 -7.17
CA ILE A 101 -12.95 -11.48 -6.66
C ILE A 101 -12.66 -10.02 -6.27
N SER A 102 -13.68 -9.27 -5.88
CA SER A 102 -13.46 -7.88 -5.53
C SER A 102 -14.42 -7.32 -4.50
N ILE A 103 -14.05 -6.16 -3.97
CA ILE A 103 -14.89 -5.45 -3.02
C ILE A 103 -15.31 -4.22 -3.79
N GLY A 104 -16.61 -3.96 -3.82
CA GLY A 104 -17.08 -2.79 -4.53
C GLY A 104 -17.62 -1.74 -3.57
N ILE A 105 -17.06 -0.54 -3.60
CA ILE A 105 -17.53 0.54 -2.74
C ILE A 105 -18.04 1.63 -3.66
N SER A 106 -19.22 2.15 -3.37
CA SER A 106 -19.82 3.18 -4.20
C SER A 106 -20.06 4.51 -3.48
N PHE A 107 -19.67 5.61 -4.11
CA PHE A 107 -19.88 6.94 -3.56
C PHE A 107 -21.29 7.33 -3.98
N MET A 108 -22.10 7.81 -3.05
CA MET A 108 -23.48 8.16 -3.38
C MET A 108 -23.62 9.52 -4.05
N GLY A 109 -23.81 9.50 -5.37
CA GLY A 109 -23.97 10.72 -6.15
C GLY A 109 -23.40 10.55 -7.55
N ASN A 110 -23.45 11.60 -8.37
CA ASN A 110 -22.91 11.54 -9.73
C ASN A 110 -21.68 12.41 -9.79
N TYR A 111 -20.51 11.78 -9.90
CA TYR A 111 -19.27 12.52 -9.92
C TYR A 111 -18.68 12.79 -11.29
N MET A 112 -19.55 13.08 -12.26
CA MET A 112 -19.12 13.41 -13.63
C MET A 112 -18.58 14.83 -13.63
N ASN A 113 -19.25 15.70 -12.89
CA ASN A 113 -18.85 17.09 -12.83
C ASN A 113 -18.69 17.62 -11.42
N ARG A 114 -18.55 16.72 -10.45
CA ARG A 114 -18.36 17.11 -9.06
C ARG A 114 -17.31 16.19 -8.49
N VAL A 115 -16.71 16.59 -7.38
CA VAL A 115 -15.75 15.74 -6.73
C VAL A 115 -16.33 15.48 -5.36
N PRO A 116 -16.11 14.30 -4.82
CA PRO A 116 -16.69 14.12 -3.50
C PRO A 116 -15.81 14.92 -2.55
N PRO A 117 -16.40 15.45 -1.46
CA PRO A 117 -15.64 16.23 -0.48
C PRO A 117 -14.51 15.41 0.15
N PRO A 118 -13.47 16.09 0.70
CA PRO A 118 -12.38 15.34 1.32
C PRO A 118 -12.79 14.28 2.32
N ARG A 119 -13.81 14.58 3.12
CA ARG A 119 -14.28 13.63 4.13
C ARG A 119 -14.81 12.33 3.56
N ALA A 120 -15.35 12.39 2.35
CA ALA A 120 -15.86 11.19 1.71
C ALA A 120 -14.65 10.36 1.31
N LEU A 121 -13.72 11.02 0.64
CA LEU A 121 -12.50 10.39 0.19
C LEU A 121 -11.78 9.77 1.38
N ARG A 122 -11.75 10.49 2.48
CA ARG A 122 -11.09 10.00 3.69
C ARG A 122 -11.74 8.74 4.24
N ALA A 123 -13.06 8.74 4.32
CA ALA A 123 -13.77 7.57 4.83
C ALA A 123 -13.52 6.34 3.96
N ALA A 124 -13.54 6.55 2.64
CA ALA A 124 -13.31 5.45 1.71
C ALA A 124 -11.91 4.89 1.88
N GLN A 125 -10.92 5.76 1.98
CA GLN A 125 -9.54 5.31 2.14
C GLN A 125 -9.33 4.68 3.51
N ASN A 126 -10.00 5.21 4.54
CA ASN A 126 -9.85 4.64 5.88
C ASN A 126 -10.43 3.25 5.80
N LEU A 127 -11.63 3.16 5.23
CA LEU A 127 -12.33 1.90 5.06
C LEU A 127 -11.38 0.86 4.48
N LEU A 128 -10.68 1.22 3.43
CA LEU A 128 -9.75 0.28 2.81
C LEU A 128 -8.65 -0.19 3.78
N ALA A 129 -8.04 0.76 4.49
CA ALA A 129 -6.99 0.44 5.45
C ALA A 129 -7.46 -0.57 6.49
N CYS A 130 -8.74 -0.46 6.85
CA CYS A 130 -9.36 -1.36 7.82
C CYS A 130 -9.52 -2.74 7.21
N GLY A 131 -9.90 -2.77 5.93
CA GLY A 131 -10.06 -4.04 5.25
C GLY A 131 -8.75 -4.80 5.34
N VAL A 132 -7.66 -4.08 5.11
CA VAL A 132 -6.34 -4.69 5.19
C VAL A 132 -6.15 -5.16 6.63
N ALA A 133 -6.32 -4.27 7.58
CA ALA A 133 -6.16 -4.59 8.99
C ALA A 133 -6.89 -5.88 9.39
N LEU A 134 -8.15 -6.01 9.00
CA LEU A 134 -8.96 -7.18 9.34
C LEU A 134 -8.54 -8.43 8.58
N GLY A 135 -7.87 -8.25 7.45
CA GLY A 135 -7.45 -9.41 6.67
C GLY A 135 -8.44 -9.68 5.56
N ALA A 136 -9.44 -8.81 5.47
CA ALA A 136 -10.48 -8.92 4.46
C ALA A 136 -9.86 -8.62 3.10
N LEU A 137 -8.90 -7.70 3.09
CA LEU A 137 -8.21 -7.31 1.87
C LEU A 137 -6.73 -7.70 1.94
N ARG A 138 -6.12 -7.93 0.78
CA ARG A 138 -4.68 -8.24 0.76
C ARG A 138 -3.96 -6.96 1.14
N SER A 139 -2.76 -7.09 1.68
CA SER A 139 -2.03 -5.90 2.06
C SER A 139 -1.61 -5.17 0.79
N ASN A 140 -1.50 -5.91 -0.30
CA ASN A 140 -1.11 -5.31 -1.56
C ASN A 140 -2.30 -5.24 -2.49
N TYR A 141 -3.46 -4.90 -1.92
CA TYR A 141 -4.68 -4.79 -2.68
C TYR A 141 -4.56 -3.79 -3.83
N GLU A 142 -5.46 -3.90 -4.80
CA GLU A 142 -5.47 -3.02 -5.95
C GLU A 142 -6.81 -2.34 -6.14
N VAL A 143 -6.77 -1.03 -6.29
CA VAL A 143 -7.97 -0.24 -6.49
C VAL A 143 -8.18 -0.03 -7.99
N LYS A 144 -9.40 -0.25 -8.46
CA LYS A 144 -9.72 -0.08 -9.86
C LYS A 144 -10.96 0.79 -9.99
N GLY A 145 -11.03 1.57 -11.05
CA GLY A 145 -12.20 2.39 -11.29
C GLY A 145 -13.21 1.41 -11.88
N HIS A 146 -14.49 1.74 -11.83
CA HIS A 146 -15.51 0.85 -12.37
C HIS A 146 -15.34 0.72 -13.90
N ARG A 147 -14.98 1.83 -14.54
CA ARG A 147 -14.78 1.88 -15.98
C ARG A 147 -13.58 1.04 -16.46
N ASP A 148 -12.64 0.73 -15.57
CA ASP A 148 -11.47 -0.08 -15.91
C ASP A 148 -11.86 -1.55 -16.09
N VAL A 149 -13.03 -1.93 -15.58
CA VAL A 149 -13.47 -3.32 -15.65
C VAL A 149 -14.86 -3.52 -16.25
N GLN A 150 -15.47 -2.41 -16.69
CA GLN A 150 -16.79 -2.44 -17.31
C GLN A 150 -16.91 -1.13 -18.09
N PRO A 151 -17.49 -1.16 -19.31
CA PRO A 151 -17.59 0.12 -20.03
C PRO A 151 -18.65 0.95 -19.35
N THR A 152 -18.26 2.11 -18.88
CA THR A 152 -19.20 2.99 -18.21
C THR A 152 -18.40 4.17 -17.71
N LEU A 153 -19.11 5.24 -17.41
CA LEU A 153 -18.51 6.47 -16.92
C LEU A 153 -18.19 6.28 -15.43
N SER A 154 -18.93 5.39 -14.78
CA SER A 154 -18.72 5.13 -13.37
C SER A 154 -17.21 5.01 -13.23
N PRO A 155 -16.62 5.61 -12.19
CA PRO A 155 -17.29 6.38 -11.14
C PRO A 155 -17.45 7.90 -11.39
N GLY A 156 -17.47 8.33 -12.66
CA GLY A 156 -17.60 9.73 -12.94
C GLY A 156 -16.24 10.31 -13.26
N ASP A 157 -16.16 11.16 -14.26
CA ASP A 157 -14.88 11.76 -14.63
C ASP A 157 -14.08 12.38 -13.48
N ARG A 158 -14.72 13.22 -12.67
CA ARG A 158 -14.00 13.84 -11.57
C ARG A 158 -13.44 12.88 -10.54
N LEU A 159 -14.29 11.98 -10.04
CA LEU A 159 -13.85 11.02 -9.05
C LEU A 159 -12.85 10.02 -9.65
N TYR A 160 -13.05 9.64 -10.91
CA TYR A 160 -12.13 8.69 -11.53
C TYR A 160 -10.73 9.29 -11.52
N GLU A 161 -10.65 10.59 -11.79
CA GLU A 161 -9.39 11.30 -11.79
C GLU A 161 -8.71 11.23 -10.43
N ILE A 162 -9.49 11.42 -9.36
CA ILE A 162 -8.95 11.37 -8.02
C ILE A 162 -8.42 10.00 -7.60
N ILE A 163 -9.20 8.95 -7.83
CA ILE A 163 -8.77 7.62 -7.45
C ILE A 163 -7.49 7.21 -8.17
N GLN A 164 -7.24 7.77 -9.35
CA GLN A 164 -6.01 7.42 -10.05
C GLN A 164 -4.78 7.78 -9.21
N THR A 165 -4.88 8.87 -8.44
CA THR A 165 -3.76 9.29 -7.61
C THR A 165 -3.66 8.56 -6.28
N TRP A 166 -4.39 7.47 -6.13
CA TRP A 166 -4.34 6.71 -4.88
C TRP A 166 -3.16 5.74 -4.94
N SER A 167 -2.58 5.47 -3.78
CA SER A 167 -1.41 4.58 -3.65
C SER A 167 -1.60 3.19 -4.24
N HIS A 168 -2.77 2.60 -4.03
CA HIS A 168 -3.03 1.25 -4.52
C HIS A 168 -3.70 1.16 -5.89
N TYR A 169 -3.62 2.22 -6.69
CA TYR A 169 -4.27 2.19 -7.99
C TYR A 169 -3.46 1.66 -9.19
N ARG A 170 -3.99 0.63 -9.82
CA ARG A 170 -3.37 0.03 -11.00
C ARG A 170 -4.55 0.07 -11.97
N ALA A 171 -4.35 0.66 -13.14
CA ALA A 171 -5.43 0.76 -14.13
C ALA A 171 -5.91 -0.61 -14.58
N GLU B 1 1.41 13.51 1.24
CA GLU B 1 1.22 13.18 -0.20
C GLU B 1 0.85 11.70 -0.39
N ASP B 2 -0.03 11.22 0.47
CA ASP B 2 -0.46 9.82 0.45
C ASP B 2 -1.89 9.74 1.04
N PRO B 3 -2.31 8.52 1.49
CA PRO B 3 -3.62 8.23 2.10
C PRO B 3 -3.71 8.90 3.48
N PRO B 4 -4.82 9.61 3.73
CA PRO B 4 -5.01 10.30 5.02
C PRO B 4 -4.81 9.39 6.24
N ALA B 5 -4.93 10.01 7.42
CA ALA B 5 -4.75 9.27 8.65
C ALA B 5 -6.00 8.55 9.11
N CYS B 6 -5.78 7.43 9.77
CA CYS B 6 -6.84 6.60 10.29
C CYS B 6 -7.84 7.42 11.14
N GLY B 7 -9.07 6.90 11.25
CA GLY B 7 -10.09 7.57 12.03
C GLY B 7 -10.77 8.80 11.45
N SER B 8 -10.66 8.98 10.13
CA SER B 8 -11.27 10.09 9.41
C SER B 8 -11.41 11.41 10.15
N ILE B 9 -10.29 11.90 10.64
CA ILE B 9 -10.28 13.17 11.37
C ILE B 9 -10.44 14.35 10.43
N VAL B 10 -11.33 15.27 10.77
CA VAL B 10 -11.52 16.47 9.97
C VAL B 10 -10.34 17.34 10.37
N PRO B 11 -9.43 17.64 9.41
CA PRO B 11 -8.27 18.45 9.74
C PRO B 11 -8.56 19.91 10.08
N ARG B 12 -7.74 20.49 10.96
CA ARG B 12 -7.89 21.88 11.40
C ARG B 12 -8.43 22.79 10.33
N ARG B 13 -7.63 22.97 9.29
CA ARG B 13 -7.95 23.84 8.17
C ARG B 13 -9.33 23.61 7.54
N GLU B 14 -9.77 22.36 7.45
CA GLU B 14 -11.08 22.08 6.85
C GLU B 14 -12.23 22.68 7.68
N TRP B 15 -12.05 22.82 8.99
CA TRP B 15 -13.09 23.42 9.82
C TRP B 15 -12.75 24.88 10.13
N ARG B 16 -11.87 25.42 9.31
CA ARG B 16 -11.38 26.79 9.40
C ARG B 16 -10.78 27.23 10.73
N ALA B 17 -9.91 26.42 11.27
CA ALA B 17 -9.26 26.70 12.55
C ALA B 17 -8.20 27.81 12.46
N LEU B 18 -8.19 28.69 13.46
CA LEU B 18 -7.20 29.74 13.56
C LEU B 18 -5.94 28.92 13.87
N ALA B 19 -4.81 29.32 13.32
CA ALA B 19 -3.60 28.55 13.56
C ALA B 19 -3.30 28.40 15.04
N SER B 20 -2.70 27.28 15.40
CA SER B 20 -2.36 27.05 16.80
C SER B 20 -1.05 27.72 17.18
N GLU B 21 -0.90 28.03 18.46
CA GLU B 21 0.30 28.69 18.94
C GLU B 21 0.85 27.88 20.09
N CYS B 22 0.49 26.61 20.15
CA CYS B 22 0.95 25.76 21.25
C CYS B 22 2.29 25.12 20.91
N ARG B 23 3.10 24.84 21.93
CA ARG B 23 4.39 24.23 21.70
C ARG B 23 4.68 23.04 22.60
N GLU B 24 4.07 22.98 23.77
CA GLU B 24 4.31 21.83 24.65
C GLU B 24 3.90 20.52 24.00
N ARG B 25 4.87 19.63 23.84
CA ARG B 25 4.62 18.34 23.21
C ARG B 25 4.34 17.26 24.24
N LEU B 26 3.48 16.32 23.82
CA LEU B 26 3.10 15.18 24.62
C LEU B 26 4.10 14.09 24.23
N THR B 27 4.51 13.30 25.21
CA THR B 27 5.48 12.22 25.00
C THR B 27 4.82 10.88 24.61
N ARG B 28 5.01 10.47 23.37
CA ARG B 28 4.48 9.20 22.92
C ARG B 28 5.35 8.18 23.65
N PRO B 29 4.75 7.12 24.18
CA PRO B 29 3.32 6.80 24.13
C PRO B 29 2.54 7.33 25.34
N VAL B 30 1.41 7.96 25.06
CA VAL B 30 0.53 8.55 26.07
C VAL B 30 -0.30 7.46 26.72
N ARG B 31 -0.43 7.50 28.04
CA ARG B 31 -1.22 6.48 28.73
C ARG B 31 -2.69 6.82 28.93
N TYR B 32 -2.97 8.03 29.38
CA TYR B 32 -4.37 8.44 29.64
C TYR B 32 -5.20 9.09 28.52
N VAL B 33 -6.52 9.00 28.70
CA VAL B 33 -7.51 9.56 27.78
C VAL B 33 -8.70 10.03 28.60
N VAL B 34 -8.86 11.34 28.70
CA VAL B 34 -9.96 11.88 29.46
C VAL B 34 -11.06 12.35 28.51
N VAL B 35 -12.31 11.98 28.84
CA VAL B 35 -13.48 12.31 28.04
C VAL B 35 -14.38 13.35 28.70
N SER B 36 -14.70 14.40 27.96
CA SER B 36 -15.52 15.49 28.46
C SER B 36 -16.56 15.92 27.43
N HIS B 37 -17.42 16.87 27.79
CA HIS B 37 -18.37 17.38 26.84
C HIS B 37 -18.06 18.89 26.84
N THR B 38 -18.39 19.58 25.75
CA THR B 38 -18.10 21.01 25.67
C THR B 38 -19.06 21.77 26.57
N ALA B 39 -20.23 21.18 26.74
CA ALA B 39 -21.27 21.78 27.56
C ALA B 39 -21.86 22.98 26.83
N GLY B 40 -21.77 22.96 25.51
CA GLY B 40 -22.28 24.05 24.70
C GLY B 40 -23.36 23.58 23.74
N SER B 41 -23.45 24.20 22.58
CA SER B 41 -24.43 23.81 21.58
C SER B 41 -23.95 22.57 20.82
N HIS B 42 -24.88 21.68 20.48
CA HIS B 42 -24.47 20.51 19.72
C HIS B 42 -24.81 20.70 18.24
N CYS B 43 -24.28 19.82 17.40
CA CYS B 43 -24.49 19.91 15.97
C CYS B 43 -24.60 18.51 15.39
N ASP B 44 -25.34 18.36 14.30
CA ASP B 44 -25.50 17.04 13.70
C ASP B 44 -25.27 16.95 12.21
N THR B 45 -24.50 17.88 11.68
CA THR B 45 -24.15 17.86 10.26
C THR B 45 -22.71 18.30 10.14
N PRO B 46 -22.02 17.85 9.10
CA PRO B 46 -20.62 18.27 8.96
C PRO B 46 -20.56 19.78 9.05
N ALA B 47 -21.34 20.43 8.19
CA ALA B 47 -21.41 21.88 8.12
C ALA B 47 -21.62 22.59 9.45
N SER B 48 -22.59 22.14 10.23
CA SER B 48 -22.89 22.77 11.51
C SER B 48 -21.83 22.45 12.55
N CYS B 49 -21.25 21.27 12.46
CA CYS B 49 -20.25 20.85 13.42
C CYS B 49 -18.89 21.49 13.19
N ALA B 50 -18.58 21.86 11.94
CA ALA B 50 -17.32 22.53 11.70
C ALA B 50 -17.46 23.92 12.30
N GLN B 51 -18.66 24.48 12.21
CA GLN B 51 -18.90 25.80 12.76
C GLN B 51 -18.82 25.73 14.28
N GLN B 52 -19.30 24.64 14.86
CA GLN B 52 -19.26 24.51 16.32
C GLN B 52 -17.82 24.34 16.77
N ALA B 53 -17.00 23.71 15.93
CA ALA B 53 -15.59 23.52 16.28
C ALA B 53 -14.96 24.91 16.33
N GLN B 54 -15.29 25.72 15.33
CA GLN B 54 -14.79 27.08 15.20
C GLN B 54 -15.23 27.92 16.39
N ASN B 55 -16.51 27.81 16.73
CA ASN B 55 -17.04 28.56 17.86
C ASN B 55 -16.34 28.17 19.17
N VAL B 56 -16.14 26.88 19.41
CA VAL B 56 -15.48 26.45 20.64
C VAL B 56 -14.09 27.05 20.70
N GLN B 57 -13.30 26.87 19.65
CA GLN B 57 -11.93 27.39 19.59
C GLN B 57 -11.89 28.90 19.73
N SER B 58 -12.85 29.57 19.12
CA SER B 58 -12.92 31.02 19.21
C SER B 58 -13.01 31.45 20.67
N TYR B 59 -13.76 30.67 21.44
CA TYR B 59 -13.92 31.00 22.85
C TYR B 59 -12.61 30.85 23.58
N HIS B 60 -11.99 29.68 23.47
CA HIS B 60 -10.72 29.41 24.15
C HIS B 60 -9.59 30.36 23.78
N VAL B 61 -9.54 30.79 22.53
CA VAL B 61 -8.46 31.66 22.06
C VAL B 61 -8.70 33.15 22.21
N ARG B 62 -9.86 33.62 21.75
CA ARG B 62 -10.16 35.04 21.87
C ARG B 62 -10.48 35.40 23.32
N ASN B 63 -11.31 34.61 23.97
CA ASN B 63 -11.68 34.92 25.35
C ASN B 63 -10.82 34.38 26.47
N LEU B 64 -10.46 33.11 26.45
CA LEU B 64 -9.64 32.57 27.53
C LEU B 64 -8.16 32.77 27.34
N GLY B 65 -7.79 33.24 26.15
CA GLY B 65 -6.39 33.51 25.84
C GLY B 65 -5.45 32.34 25.59
N TRP B 66 -5.98 31.12 25.45
CA TRP B 66 -5.13 29.96 25.20
C TRP B 66 -4.53 29.91 23.79
N CYS B 67 -3.45 29.14 23.65
CA CYS B 67 -2.71 28.97 22.39
C CYS B 67 -3.53 28.21 21.33
N ASP B 68 -4.61 27.59 21.76
CA ASP B 68 -5.46 26.84 20.86
C ASP B 68 -6.64 26.25 21.63
N VAL B 69 -7.62 25.72 20.89
CA VAL B 69 -8.78 25.09 21.50
C VAL B 69 -8.21 24.07 22.50
N GLY B 70 -8.79 23.99 23.70
CA GLY B 70 -8.25 23.09 24.71
C GLY B 70 -8.09 21.61 24.44
N TYR B 71 -9.11 20.99 23.84
CA TYR B 71 -9.11 19.55 23.56
C TYR B 71 -8.23 19.10 22.42
N ASN B 72 -7.72 17.88 22.54
CA ASN B 72 -6.87 17.26 21.52
C ASN B 72 -7.76 16.91 20.34
N PHE B 73 -9.00 16.53 20.63
CA PHE B 73 -9.99 16.14 19.62
C PHE B 73 -11.41 16.47 20.05
N LEU B 74 -12.26 16.75 19.05
CA LEU B 74 -13.67 17.04 19.27
C LEU B 74 -14.53 16.04 18.46
N ILE B 75 -15.63 15.60 19.04
CA ILE B 75 -16.55 14.65 18.40
C ILE B 75 -17.91 15.26 18.14
N GLY B 76 -18.36 15.24 16.89
CA GLY B 76 -19.66 15.80 16.57
C GLY B 76 -20.74 14.73 16.51
N GLU B 77 -21.99 15.16 16.61
CA GLU B 77 -23.11 14.23 16.55
C GLU B 77 -23.34 13.82 15.11
N ASP B 78 -22.51 14.36 14.24
CA ASP B 78 -22.57 14.08 12.82
C ASP B 78 -21.70 12.85 12.58
N GLY B 79 -21.19 12.29 13.67
CA GLY B 79 -20.38 11.10 13.56
C GLY B 79 -18.97 11.33 13.04
N LEU B 80 -18.45 12.54 13.19
CA LEU B 80 -17.11 12.81 12.71
C LEU B 80 -16.23 13.28 13.85
N VAL B 81 -14.91 13.18 13.64
CA VAL B 81 -13.96 13.60 14.64
C VAL B 81 -13.25 14.84 14.13
N TYR B 82 -13.20 15.86 14.98
CA TYR B 82 -12.55 17.11 14.61
C TYR B 82 -11.23 17.27 15.31
N GLU B 83 -10.19 17.52 14.53
CA GLU B 83 -8.84 17.67 15.03
C GLU B 83 -8.67 18.94 15.82
N GLY B 84 -8.21 18.78 17.06
CA GLY B 84 -7.95 19.91 17.93
C GLY B 84 -6.45 20.07 17.98
N ARG B 85 -5.88 20.00 19.17
CA ARG B 85 -4.43 20.11 19.30
C ARG B 85 -3.73 18.83 18.79
N GLY B 86 -4.53 17.81 18.48
CA GLY B 86 -4.00 16.55 17.95
C GLY B 86 -3.34 15.60 18.92
N TRP B 87 -2.57 14.68 18.35
CA TRP B 87 -1.86 13.65 19.10
C TRP B 87 -0.55 14.10 19.72
N ASN B 88 0.12 15.10 19.12
CA ASN B 88 1.41 15.52 19.63
C ASN B 88 1.53 16.78 20.47
N ILE B 89 0.49 17.59 20.59
CA ILE B 89 0.57 18.80 21.40
C ILE B 89 -0.19 18.66 22.72
N LYS B 90 0.39 19.11 23.84
CA LYS B 90 -0.31 18.98 25.12
C LYS B 90 -1.57 19.82 25.16
N GLY B 91 -2.67 19.20 25.58
CA GLY B 91 -3.93 19.91 25.65
C GLY B 91 -4.10 20.73 26.91
N ALA B 92 -5.30 21.28 27.05
CA ALA B 92 -5.69 22.11 28.18
C ALA B 92 -7.17 21.79 28.37
N HIS B 93 -7.46 20.62 28.91
CA HIS B 93 -8.84 20.19 29.07
C HIS B 93 -9.11 19.55 30.40
N ALA B 94 -8.06 19.19 31.12
CA ALA B 94 -8.26 18.48 32.35
C ALA B 94 -7.39 18.90 33.50
N GLY B 95 -6.81 20.08 33.44
CA GLY B 95 -6.01 20.52 34.55
C GLY B 95 -4.58 20.05 34.51
N PRO B 96 -3.84 20.48 35.51
CA PRO B 96 -2.39 20.40 35.54
C PRO B 96 -1.77 19.06 35.87
N THR B 97 -2.53 18.05 36.22
CA THR B 97 -1.91 16.75 36.41
C THR B 97 -2.25 15.89 35.25
N TRP B 98 -3.40 16.16 34.67
CA TRP B 98 -3.87 15.34 33.57
C TRP B 98 -3.43 15.75 32.17
N ASN B 99 -3.30 17.05 31.90
CA ASN B 99 -2.91 17.49 30.57
C ASN B 99 -1.57 16.92 30.08
N PRO B 100 -0.56 16.87 30.95
CA PRO B 100 0.74 16.33 30.53
C PRO B 100 0.83 14.81 30.24
N ILE B 101 -0.18 14.06 30.65
CA ILE B 101 -0.15 12.63 30.46
C ILE B 101 -1.31 12.00 29.67
N SER B 102 -2.25 12.81 29.20
CA SER B 102 -3.38 12.28 28.46
C SER B 102 -3.77 13.07 27.22
N ILE B 103 -4.71 12.49 26.48
CA ILE B 103 -5.30 13.07 25.28
C ILE B 103 -6.73 13.36 25.71
N GLY B 104 -7.17 14.59 25.53
CA GLY B 104 -8.53 14.90 25.93
C GLY B 104 -9.46 14.97 24.73
N ILE B 105 -10.56 14.24 24.76
CA ILE B 105 -11.51 14.30 23.67
C ILE B 105 -12.83 14.81 24.23
N SER B 106 -13.48 15.69 23.47
CA SER B 106 -14.73 16.28 23.92
C SER B 106 -15.91 16.11 22.96
N PHE B 107 -17.08 15.84 23.52
CA PHE B 107 -18.30 15.67 22.74
C PHE B 107 -19.00 17.03 22.61
N MET B 108 -19.23 17.46 21.38
CA MET B 108 -19.89 18.74 21.18
C MET B 108 -21.37 18.71 21.52
N GLY B 109 -21.68 19.29 22.67
CA GLY B 109 -23.04 19.34 23.15
C GLY B 109 -23.04 19.08 24.65
N ASN B 110 -24.20 19.21 25.25
CA ASN B 110 -24.35 18.99 26.69
C ASN B 110 -24.98 17.61 26.84
N TYR B 111 -24.29 16.70 27.53
CA TYR B 111 -24.80 15.33 27.69
C TYR B 111 -25.20 14.91 29.10
N MET B 112 -25.81 15.86 29.81
CA MET B 112 -26.31 15.66 31.16
C MET B 112 -27.64 14.94 31.04
N ASN B 113 -28.47 15.41 30.10
CA ASN B 113 -29.79 14.83 29.85
C ASN B 113 -30.05 14.33 28.43
N ARG B 114 -29.00 13.88 27.74
CA ARG B 114 -29.09 13.36 26.37
C ARG B 114 -27.84 12.53 26.14
N VAL B 115 -27.88 11.59 25.20
CA VAL B 115 -26.70 10.77 24.90
C VAL B 115 -26.26 11.11 23.48
N PRO B 116 -24.99 10.84 23.16
CA PRO B 116 -24.59 11.15 21.80
C PRO B 116 -25.01 9.95 20.95
N PRO B 117 -25.30 10.18 19.67
CA PRO B 117 -25.69 9.08 18.79
C PRO B 117 -24.61 7.98 18.71
N PRO B 118 -25.03 6.77 18.32
CA PRO B 118 -24.06 5.68 18.20
C PRO B 118 -22.87 6.10 17.34
N ARG B 119 -23.15 6.83 16.25
CA ARG B 119 -22.08 7.25 15.36
C ARG B 119 -21.01 8.07 16.07
N ALA B 120 -21.41 8.86 17.06
CA ALA B 120 -20.43 9.67 17.77
C ALA B 120 -19.61 8.75 18.67
N LEU B 121 -20.28 7.81 19.32
CA LEU B 121 -19.58 6.87 20.18
C LEU B 121 -18.61 6.08 19.29
N ARG B 122 -19.07 5.65 18.11
CA ARG B 122 -18.21 4.91 17.17
C ARG B 122 -16.99 5.76 16.80
N ALA B 123 -17.23 7.00 16.41
CA ALA B 123 -16.17 7.92 16.04
C ALA B 123 -15.17 8.06 17.17
N ALA B 124 -15.66 8.00 18.40
CA ALA B 124 -14.81 8.11 19.56
C ALA B 124 -13.84 6.95 19.66
N GLN B 125 -14.39 5.74 19.52
CA GLN B 125 -13.61 4.50 19.57
C GLN B 125 -12.60 4.45 18.45
N ASN B 126 -13.10 4.55 17.22
CA ASN B 126 -12.29 4.53 16.02
C ASN B 126 -11.09 5.46 16.21
N LEU B 127 -11.32 6.57 16.90
CA LEU B 127 -10.26 7.55 17.15
C LEU B 127 -9.17 6.97 18.03
N LEU B 128 -9.56 6.47 19.22
CA LEU B 128 -8.58 5.91 20.13
C LEU B 128 -7.82 4.75 19.46
N ALA B 129 -8.54 3.83 18.81
CA ALA B 129 -7.88 2.71 18.15
C ALA B 129 -6.75 3.24 17.27
N CYS B 130 -7.09 4.20 16.42
CA CYS B 130 -6.19 4.86 15.48
C CYS B 130 -5.05 5.56 16.21
N GLY B 131 -5.26 5.84 17.48
CA GLY B 131 -4.24 6.50 18.26
C GLY B 131 -3.15 5.49 18.56
N VAL B 132 -3.60 4.32 18.98
CA VAL B 132 -2.70 3.22 19.30
C VAL B 132 -1.80 2.95 18.09
N ALA B 133 -2.41 2.56 16.98
CA ALA B 133 -1.70 2.26 15.72
C ALA B 133 -0.54 3.23 15.44
N LEU B 134 -0.82 4.53 15.51
CA LEU B 134 0.24 5.52 15.28
C LEU B 134 1.34 5.43 16.33
N GLY B 135 0.96 5.17 17.58
CA GLY B 135 1.95 5.09 18.63
C GLY B 135 1.70 6.18 19.65
N ALA B 136 0.82 7.11 19.28
CA ALA B 136 0.44 8.20 20.17
C ALA B 136 -0.06 7.60 21.47
N LEU B 137 -0.97 6.64 21.35
CA LEU B 137 -1.54 5.97 22.52
C LEU B 137 -0.88 4.61 22.72
N ARG B 138 -0.58 4.29 23.97
CA ARG B 138 0.04 3.01 24.23
C ARG B 138 -1.06 1.93 24.17
N SER B 139 -0.73 0.79 23.60
CA SER B 139 -1.68 -0.33 23.44
C SER B 139 -2.70 -0.52 24.57
N ASN B 140 -2.25 -0.46 25.81
CA ASN B 140 -3.15 -0.65 26.94
C ASN B 140 -3.46 0.68 27.61
N TYR B 141 -3.99 1.62 26.82
CA TYR B 141 -4.34 2.95 27.32
C TYR B 141 -5.53 2.89 28.27
N GLU B 142 -5.57 3.82 29.22
CA GLU B 142 -6.68 3.86 30.18
C GLU B 142 -7.55 5.10 30.03
N VAL B 143 -8.87 4.89 30.06
CA VAL B 143 -9.84 5.95 29.88
C VAL B 143 -10.56 6.42 31.14
N LYS B 144 -10.45 7.70 31.45
CA LYS B 144 -11.14 8.28 32.60
C LYS B 144 -12.18 9.23 32.09
N GLY B 145 -13.13 9.59 32.96
CA GLY B 145 -14.14 10.54 32.58
C GLY B 145 -13.61 11.86 33.12
N HIS B 146 -14.22 12.98 32.74
CA HIS B 146 -13.74 14.27 33.22
C HIS B 146 -13.90 14.42 34.74
N ARG B 147 -15.02 13.95 35.30
CA ARG B 147 -15.23 14.06 36.73
C ARG B 147 -14.28 13.12 37.51
N ASP B 148 -13.84 12.06 36.86
CA ASP B 148 -12.93 11.10 37.48
C ASP B 148 -11.63 11.81 37.78
N VAL B 149 -11.49 13.05 37.31
CA VAL B 149 -10.22 13.73 37.51
C VAL B 149 -10.19 15.18 37.94
N GLN B 150 -11.30 15.89 37.77
CA GLN B 150 -11.41 17.29 38.16
C GLN B 150 -12.79 17.36 38.79
N PRO B 151 -13.09 18.44 39.51
CA PRO B 151 -14.39 18.60 40.17
C PRO B 151 -15.36 19.22 39.16
N THR B 152 -16.01 18.35 38.38
CA THR B 152 -16.92 18.82 37.33
C THR B 152 -18.04 17.84 37.00
N LEU B 153 -19.06 18.31 36.27
CA LEU B 153 -20.14 17.40 35.89
C LEU B 153 -19.74 16.68 34.60
N SER B 154 -19.01 17.42 33.76
CA SER B 154 -18.49 16.91 32.50
C SER B 154 -17.95 15.53 32.85
N PRO B 155 -18.10 14.55 31.94
CA PRO B 155 -18.73 14.57 30.62
C PRO B 155 -20.27 14.55 30.49
N GLY B 156 -20.99 14.79 31.61
CA GLY B 156 -22.46 14.77 31.54
C GLY B 156 -23.04 13.47 32.07
N ASP B 157 -24.06 13.57 32.92
CA ASP B 157 -24.69 12.36 33.49
C ASP B 157 -24.68 11.12 32.60
N ARG B 158 -25.20 11.27 31.38
CA ARG B 158 -25.30 10.15 30.45
C ARG B 158 -23.99 9.72 29.85
N LEU B 159 -23.35 10.68 29.19
CA LEU B 159 -22.09 10.38 28.56
C LEU B 159 -21.27 9.60 29.59
N TYR B 160 -21.22 10.08 30.82
CA TYR B 160 -20.44 9.40 31.84
C TYR B 160 -20.66 7.87 31.88
N GLU B 161 -21.84 7.41 32.33
CA GLU B 161 -22.09 5.97 32.43
C GLU B 161 -21.70 5.15 31.21
N ILE B 162 -22.21 5.50 30.04
CA ILE B 162 -21.84 4.75 28.83
C ILE B 162 -20.32 4.51 28.86
N ILE B 163 -19.56 5.57 29.13
CA ILE B 163 -18.11 5.46 29.16
C ILE B 163 -17.64 4.40 30.16
N GLN B 164 -18.42 4.23 31.22
CA GLN B 164 -18.07 3.25 32.25
C GLN B 164 -18.11 1.85 31.63
N THR B 165 -18.97 1.68 30.64
CA THR B 165 -19.08 0.37 30.00
C THR B 165 -18.02 0.14 28.92
N TRP B 166 -17.02 1.02 28.86
CA TRP B 166 -15.95 0.89 27.86
C TRP B 166 -14.79 0.00 28.27
N SER B 167 -14.34 -0.82 27.32
CA SER B 167 -13.26 -1.75 27.57
C SER B 167 -12.07 -1.12 28.31
N HIS B 168 -11.33 -0.22 27.65
CA HIS B 168 -10.16 0.38 28.28
C HIS B 168 -10.41 1.41 29.38
N TYR B 169 -11.59 1.36 30.00
CA TYR B 169 -11.96 2.29 31.07
C TYR B 169 -11.56 1.83 32.48
N ARG B 170 -10.75 2.63 33.16
CA ARG B 170 -10.30 2.32 34.52
C ARG B 170 -10.87 3.38 35.47
N ALA B 171 -11.69 2.92 36.43
CA ALA B 171 -12.31 3.81 37.40
C ALA B 171 -11.25 4.60 38.18
N GLU C 1 -6.96 -17.91 -42.46
CA GLU C 1 -7.16 -17.99 -41.04
C GLU C 1 -6.74 -19.34 -40.55
N ASP C 2 -5.49 -19.44 -40.11
CA ASP C 2 -4.87 -20.72 -39.78
C ASP C 2 -4.99 -21.24 -38.36
N PRO C 3 -5.06 -22.56 -38.28
CA PRO C 3 -5.29 -23.33 -37.06
C PRO C 3 -4.13 -24.19 -36.56
N PRO C 4 -2.92 -23.94 -37.02
CA PRO C 4 -1.80 -24.84 -36.71
C PRO C 4 -1.51 -24.94 -35.21
N ALA C 5 -1.29 -26.17 -34.78
CA ALA C 5 -0.94 -26.49 -33.41
C ALA C 5 0.59 -26.57 -33.22
N CYS C 6 1.15 -25.61 -32.49
CA CYS C 6 2.59 -25.46 -32.32
C CYS C 6 3.04 -25.67 -30.87
N GLY C 7 2.06 -25.60 -29.98
CA GLY C 7 2.33 -25.75 -28.56
C GLY C 7 2.44 -27.18 -28.04
N SER C 8 3.61 -27.47 -27.50
CA SER C 8 3.90 -28.73 -26.85
C SER C 8 4.15 -28.12 -25.49
N ILE C 9 3.12 -27.44 -25.02
CA ILE C 9 3.15 -26.69 -23.77
C ILE C 9 2.44 -27.43 -22.67
N VAL C 10 3.10 -27.56 -21.51
CA VAL C 10 2.48 -28.22 -20.38
C VAL C 10 1.49 -27.22 -19.82
N PRO C 11 0.21 -27.60 -19.77
CA PRO C 11 -0.86 -26.72 -19.26
C PRO C 11 -0.79 -26.55 -17.74
N ARG C 12 -1.35 -25.45 -17.28
CA ARG C 12 -1.36 -25.14 -15.86
C ARG C 12 -1.77 -26.36 -15.03
N ARG C 13 -2.95 -26.90 -15.30
CA ARG C 13 -3.44 -28.07 -14.57
C ARG C 13 -2.42 -29.19 -14.51
N GLU C 14 -1.76 -29.45 -15.63
CA GLU C 14 -0.77 -30.52 -15.69
C GLU C 14 0.41 -30.34 -14.71
N TRP C 15 0.88 -29.11 -14.49
CA TRP C 15 1.96 -28.97 -13.50
C TRP C 15 1.33 -28.62 -12.16
N ARG C 16 -0.01 -28.65 -12.15
CA ARG C 16 -0.80 -28.36 -10.96
C ARG C 16 -0.59 -26.95 -10.42
N ALA C 17 -0.91 -25.96 -11.27
CA ALA C 17 -0.76 -24.56 -10.89
C ALA C 17 -1.94 -24.15 -10.02
N LEU C 18 -1.68 -23.18 -9.14
CA LEU C 18 -2.72 -22.65 -8.29
C LEU C 18 -3.40 -21.70 -9.25
N ALA C 19 -4.70 -21.49 -9.09
CA ALA C 19 -5.47 -20.61 -9.97
C ALA C 19 -4.95 -19.18 -9.95
N SER C 20 -4.83 -18.60 -11.14
CA SER C 20 -4.36 -17.24 -11.28
C SER C 20 -5.46 -16.29 -10.87
N GLU C 21 -5.07 -15.09 -10.42
CA GLU C 21 -6.05 -14.10 -10.02
C GLU C 21 -5.76 -12.89 -10.88
N CYS C 22 -4.81 -13.09 -11.78
CA CYS C 22 -4.39 -12.04 -12.69
C CYS C 22 -5.48 -11.80 -13.72
N ARG C 23 -5.75 -10.54 -14.03
CA ARG C 23 -6.80 -10.20 -14.98
C ARG C 23 -6.45 -9.24 -16.11
N GLU C 24 -5.37 -8.48 -15.98
CA GLU C 24 -4.99 -7.53 -17.04
C GLU C 24 -4.59 -8.28 -18.31
N ARG C 25 -4.73 -7.63 -19.47
CA ARG C 25 -4.41 -8.27 -20.73
C ARG C 25 -3.31 -7.60 -21.56
N LEU C 26 -2.63 -8.43 -22.35
CA LEU C 26 -1.58 -7.98 -23.25
C LEU C 26 -2.34 -7.74 -24.53
N THR C 27 -1.84 -6.84 -25.37
CA THR C 27 -2.55 -6.62 -26.61
C THR C 27 -1.69 -7.24 -27.72
N ARG C 28 -2.21 -8.31 -28.33
CA ARG C 28 -1.49 -8.97 -29.40
C ARG C 28 -1.75 -8.23 -30.70
N PRO C 29 -0.76 -8.24 -31.62
CA PRO C 29 0.54 -8.88 -31.49
C PRO C 29 1.57 -8.14 -30.61
N VAL C 30 2.15 -8.86 -29.66
CA VAL C 30 3.17 -8.31 -28.78
C VAL C 30 4.43 -8.18 -29.61
N ARG C 31 5.26 -7.18 -29.31
CA ARG C 31 6.46 -6.94 -30.10
C ARG C 31 7.75 -7.28 -29.40
N TYR C 32 7.67 -7.54 -28.09
CA TYR C 32 8.85 -7.85 -27.29
C TYR C 32 8.83 -9.11 -26.44
N VAL C 33 9.98 -9.79 -26.42
CA VAL C 33 10.17 -11.00 -25.62
C VAL C 33 11.36 -10.73 -24.70
N VAL C 34 11.18 -10.99 -23.41
CA VAL C 34 12.25 -10.77 -22.45
C VAL C 34 12.63 -12.07 -21.76
N VAL C 35 13.92 -12.43 -21.88
CA VAL C 35 14.43 -13.68 -21.31
C VAL C 35 15.15 -13.49 -19.98
N SER C 36 14.76 -14.30 -19.01
CA SER C 36 15.29 -14.29 -17.67
C SER C 36 15.53 -15.72 -17.26
N HIS C 37 15.98 -15.92 -16.03
CA HIS C 37 16.18 -17.24 -15.51
C HIS C 37 15.69 -17.13 -14.09
N THR C 38 15.31 -18.24 -13.48
CA THR C 38 14.80 -18.20 -12.13
C THR C 38 15.94 -18.10 -11.11
N ALA C 39 17.16 -18.13 -11.61
CA ALA C 39 18.33 -18.03 -10.75
C ALA C 39 18.37 -19.12 -9.68
N GLY C 40 17.43 -20.05 -9.73
CA GLY C 40 17.38 -21.11 -8.74
C GLY C 40 17.80 -22.51 -9.16
N SER C 41 17.16 -23.50 -8.53
CA SER C 41 17.46 -24.89 -8.82
C SER C 41 16.90 -25.23 -10.18
N HIS C 42 17.57 -26.13 -10.89
CA HIS C 42 17.09 -26.54 -12.20
C HIS C 42 16.43 -27.93 -12.11
N CYS C 43 15.75 -28.35 -13.17
CA CYS C 43 15.06 -29.64 -13.18
C CYS C 43 15.18 -30.29 -14.55
N ASP C 44 15.50 -31.58 -14.59
CA ASP C 44 15.63 -32.22 -15.89
C ASP C 44 14.62 -33.33 -16.22
N THR C 45 13.42 -33.30 -15.62
CA THR C 45 12.39 -34.30 -15.91
C THR C 45 10.98 -33.68 -15.87
N PRO C 46 9.99 -34.34 -16.49
CA PRO C 46 8.65 -33.74 -16.45
C PRO C 46 8.09 -33.72 -15.04
N ALA C 47 8.56 -34.63 -14.20
CA ALA C 47 8.09 -34.73 -12.82
C ALA C 47 8.73 -33.68 -11.93
N SER C 48 10.04 -33.48 -12.07
CA SER C 48 10.74 -32.51 -11.26
C SER C 48 10.35 -31.11 -11.69
N CYS C 49 10.42 -30.89 -12.99
CA CYS C 49 10.08 -29.59 -13.55
C CYS C 49 8.66 -29.16 -13.21
N ALA C 50 7.70 -30.08 -13.23
CA ALA C 50 6.33 -29.71 -12.91
C ALA C 50 6.35 -29.17 -11.48
N GLN C 51 7.16 -29.81 -10.65
CA GLN C 51 7.32 -29.41 -9.25
C GLN C 51 8.02 -28.06 -9.22
N GLN C 52 9.16 -27.99 -9.89
CA GLN C 52 9.93 -26.76 -9.95
C GLN C 52 8.99 -25.61 -10.28
N ALA C 53 8.15 -25.82 -11.30
CA ALA C 53 7.20 -24.80 -11.70
C ALA C 53 6.26 -24.42 -10.55
N GLN C 54 5.88 -25.41 -9.76
CA GLN C 54 5.01 -25.17 -8.61
C GLN C 54 5.70 -24.26 -7.62
N ASN C 55 6.95 -24.60 -7.32
CA ASN C 55 7.73 -23.82 -6.38
C ASN C 55 7.90 -22.38 -6.84
N VAL C 56 8.27 -22.19 -8.08
CA VAL C 56 8.45 -20.83 -8.59
C VAL C 56 7.16 -20.07 -8.44
N GLN C 57 6.04 -20.74 -8.67
CA GLN C 57 4.76 -20.08 -8.53
C GLN C 57 4.47 -19.82 -7.05
N SER C 58 4.78 -20.81 -6.22
CA SER C 58 4.59 -20.76 -4.77
C SER C 58 5.24 -19.48 -4.25
N TYR C 59 6.47 -19.24 -4.72
CA TYR C 59 7.24 -18.07 -4.35
C TYR C 59 6.49 -16.78 -4.70
N HIS C 60 6.14 -16.62 -5.96
CA HIS C 60 5.42 -15.44 -6.44
C HIS C 60 4.04 -15.26 -5.84
N VAL C 61 3.35 -16.35 -5.52
CA VAL C 61 2.01 -16.24 -5.00
C VAL C 61 1.91 -16.18 -3.46
N ARG C 62 2.58 -17.09 -2.76
CA ARG C 62 2.49 -17.08 -1.29
C ARG C 62 3.44 -16.06 -0.68
N ASN C 63 4.70 -16.09 -1.09
CA ASN C 63 5.69 -15.16 -0.57
C ASN C 63 5.45 -13.71 -0.98
N LEU C 64 5.61 -13.44 -2.28
CA LEU C 64 5.45 -12.09 -2.81
C LEU C 64 4.00 -11.62 -2.95
N GLY C 65 3.04 -12.50 -2.67
CA GLY C 65 1.64 -12.11 -2.76
C GLY C 65 1.13 -11.66 -4.13
N TRP C 66 1.64 -12.28 -5.18
CA TRP C 66 1.22 -11.94 -6.55
C TRP C 66 0.00 -12.72 -7.08
N CYS C 67 -0.64 -12.18 -8.13
CA CYS C 67 -1.83 -12.81 -8.70
C CYS C 67 -1.55 -14.10 -9.44
N ASP C 68 -0.28 -14.38 -9.70
CA ASP C 68 0.17 -15.59 -10.38
C ASP C 68 1.67 -15.50 -10.61
N VAL C 69 2.28 -16.61 -11.03
CA VAL C 69 3.70 -16.61 -11.31
C VAL C 69 3.89 -15.47 -12.31
N GLY C 70 4.96 -14.70 -12.12
CA GLY C 70 5.25 -13.55 -12.96
C GLY C 70 5.49 -13.80 -14.44
N TYR C 71 6.16 -14.90 -14.77
CA TYR C 71 6.45 -15.23 -16.16
C TYR C 71 5.25 -15.72 -16.96
N ASN C 72 5.25 -15.42 -18.26
CA ASN C 72 4.19 -15.83 -19.17
C ASN C 72 4.38 -17.31 -19.50
N PHE C 73 5.64 -17.72 -19.59
CA PHE C 73 6.02 -19.10 -19.89
C PHE C 73 7.33 -19.46 -19.17
N LEU C 74 7.56 -20.74 -18.93
CA LEU C 74 8.79 -21.22 -18.26
C LEU C 74 9.39 -22.37 -19.05
N ILE C 75 10.70 -22.33 -19.25
CA ILE C 75 11.40 -23.36 -19.99
C ILE C 75 12.13 -24.30 -19.04
N GLY C 76 11.84 -25.60 -19.15
CA GLY C 76 12.51 -26.56 -18.29
C GLY C 76 13.70 -27.24 -18.97
N GLU C 77 14.54 -27.91 -18.19
CA GLU C 77 15.70 -28.57 -18.76
C GLU C 77 15.30 -29.95 -19.24
N ASP C 78 14.04 -30.28 -19.01
CA ASP C 78 13.47 -31.54 -19.43
C ASP C 78 13.06 -31.38 -20.90
N GLY C 79 13.13 -30.14 -21.37
CA GLY C 79 12.81 -29.85 -22.75
C GLY C 79 11.39 -29.39 -23.01
N LEU C 80 10.63 -29.11 -21.96
CA LEU C 80 9.25 -28.68 -22.13
C LEU C 80 9.01 -27.24 -21.69
N VAL C 81 7.96 -26.65 -22.25
CA VAL C 81 7.56 -25.30 -21.92
C VAL C 81 6.37 -25.42 -20.97
N TYR C 82 6.44 -24.68 -19.86
CA TYR C 82 5.38 -24.71 -18.87
C TYR C 82 4.58 -23.44 -18.99
N GLU C 83 3.26 -23.59 -19.08
CA GLU C 83 2.37 -22.46 -19.20
C GLU C 83 2.33 -21.56 -17.98
N GLY C 84 2.75 -20.31 -18.16
CA GLY C 84 2.74 -19.36 -17.07
C GLY C 84 1.45 -18.60 -17.17
N ARG C 85 1.55 -17.28 -17.33
CA ARG C 85 0.37 -16.45 -17.47
C ARG C 85 -0.15 -16.62 -18.89
N GLY C 86 0.71 -17.13 -19.77
CA GLY C 86 0.34 -17.38 -21.15
C GLY C 86 0.52 -16.22 -22.10
N TRP C 87 -0.11 -16.33 -23.28
CA TRP C 87 -0.02 -15.32 -24.34
C TRP C 87 -0.87 -14.07 -24.19
N ASN C 88 -1.96 -14.12 -23.43
CA ASN C 88 -2.84 -12.95 -23.34
C ASN C 88 -2.86 -12.15 -22.03
N ILE C 89 -2.30 -12.70 -20.97
CA ILE C 89 -2.26 -11.97 -19.69
C ILE C 89 -0.91 -11.30 -19.43
N LYS C 90 -0.95 -10.02 -19.07
CA LYS C 90 0.27 -9.28 -18.80
C LYS C 90 1.00 -9.88 -17.61
N GLY C 91 2.26 -10.26 -17.84
CA GLY C 91 3.07 -10.82 -16.78
C GLY C 91 3.70 -9.76 -15.88
N ALA C 92 4.41 -10.24 -14.87
CA ALA C 92 5.14 -9.41 -13.93
C ALA C 92 6.53 -9.96 -13.94
N HIS C 93 7.35 -9.56 -14.90
CA HIS C 93 8.66 -10.12 -14.96
C HIS C 93 9.80 -9.16 -15.26
N ALA C 94 9.49 -8.00 -15.80
CA ALA C 94 10.53 -7.05 -16.15
C ALA C 94 10.22 -5.57 -15.90
N GLY C 95 9.41 -5.28 -14.88
CA GLY C 95 9.07 -3.90 -14.59
C GLY C 95 7.85 -3.35 -15.32
N PRO C 96 7.33 -2.22 -14.86
CA PRO C 96 6.15 -1.53 -15.40
C PRO C 96 6.24 -0.98 -16.81
N THR C 97 7.44 -0.80 -17.32
CA THR C 97 7.57 -0.30 -18.68
C THR C 97 7.60 -1.42 -19.71
N TRP C 98 8.14 -2.58 -19.36
CA TRP C 98 8.22 -3.66 -20.32
C TRP C 98 7.15 -4.73 -20.19
N ASN C 99 6.57 -4.89 -19.01
CA ASN C 99 5.57 -5.93 -18.85
C ASN C 99 4.37 -5.80 -19.81
N PRO C 100 3.80 -4.60 -19.95
CA PRO C 100 2.66 -4.46 -20.86
C PRO C 100 2.96 -4.53 -22.36
N ILE C 101 4.24 -4.54 -22.71
CA ILE C 101 4.63 -4.58 -24.12
C ILE C 101 5.47 -5.82 -24.45
N SER C 102 5.49 -6.81 -23.56
CA SER C 102 6.30 -7.99 -23.81
C SER C 102 5.75 -9.30 -23.26
N ILE C 103 6.39 -10.38 -23.64
CA ILE C 103 6.08 -11.72 -23.17
C ILE C 103 7.36 -12.10 -22.44
N GLY C 104 7.26 -12.53 -21.20
CA GLY C 104 8.45 -12.89 -20.47
C GLY C 104 8.61 -14.38 -20.27
N ILE C 105 9.66 -14.95 -20.85
CA ILE C 105 9.92 -16.37 -20.70
C ILE C 105 11.15 -16.59 -19.82
N SER C 106 11.01 -17.46 -18.83
CA SER C 106 12.08 -17.75 -17.87
C SER C 106 12.59 -19.19 -17.89
N PHE C 107 13.91 -19.34 -17.99
CA PHE C 107 14.53 -20.65 -17.98
C PHE C 107 14.67 -21.07 -16.53
N MET C 108 14.18 -22.25 -16.18
CA MET C 108 14.25 -22.71 -14.80
C MET C 108 15.60 -23.22 -14.34
N GLY C 109 16.30 -22.38 -13.59
CA GLY C 109 17.64 -22.71 -13.09
C GLY C 109 18.51 -21.47 -13.05
N ASN C 110 19.78 -21.65 -12.70
CA ASN C 110 20.72 -20.51 -12.64
C ASN C 110 21.80 -20.66 -13.70
N TYR C 111 21.83 -19.73 -14.66
CA TYR C 111 22.79 -19.82 -15.76
C TYR C 111 23.96 -18.83 -15.77
N MET C 112 24.44 -18.42 -14.60
CA MET C 112 25.61 -17.53 -14.57
C MET C 112 26.78 -18.45 -14.91
N ASN C 113 26.64 -19.70 -14.47
CA ASN C 113 27.67 -20.71 -14.68
C ASN C 113 27.23 -22.05 -15.29
N ARG C 114 26.45 -22.01 -16.37
CA ARG C 114 25.95 -23.19 -17.07
C ARG C 114 25.15 -22.68 -18.24
N VAL C 115 25.14 -23.43 -19.33
CA VAL C 115 24.30 -23.05 -20.44
C VAL C 115 23.15 -24.01 -20.27
N PRO C 116 21.97 -23.61 -20.74
CA PRO C 116 20.86 -24.55 -20.61
C PRO C 116 21.01 -25.61 -21.71
N PRO C 117 20.57 -26.85 -21.45
CA PRO C 117 20.67 -27.93 -22.44
C PRO C 117 20.03 -27.57 -23.77
N PRO C 118 20.52 -28.15 -24.88
CA PRO C 118 19.97 -27.83 -26.20
C PRO C 118 18.46 -27.99 -26.34
N ARG C 119 17.88 -28.91 -25.58
CA ARG C 119 16.46 -29.10 -25.69
C ARG C 119 15.70 -27.95 -25.05
N ALA C 120 16.33 -27.29 -24.08
CA ALA C 120 15.70 -26.15 -23.40
C ALA C 120 15.71 -24.99 -24.38
N LEU C 121 16.81 -24.86 -25.09
CA LEU C 121 16.95 -23.81 -26.08
C LEU C 121 15.96 -24.05 -27.21
N ARG C 122 15.87 -25.30 -27.68
CA ARG C 122 14.93 -25.63 -28.76
C ARG C 122 13.50 -25.33 -28.32
N ALA C 123 13.19 -25.69 -27.08
CA ALA C 123 11.88 -25.45 -26.54
C ALA C 123 11.55 -23.97 -26.69
N ALA C 124 12.44 -23.10 -26.22
CA ALA C 124 12.22 -21.65 -26.30
C ALA C 124 12.02 -21.10 -27.72
N GLN C 125 12.84 -21.52 -28.69
CA GLN C 125 12.70 -21.03 -30.06
C GLN C 125 11.37 -21.50 -30.67
N ASN C 126 11.06 -22.77 -30.49
CA ASN C 126 9.81 -23.31 -31.01
C ASN C 126 8.64 -22.55 -30.36
N LEU C 127 8.81 -22.20 -29.09
CA LEU C 127 7.78 -21.48 -28.36
C LEU C 127 7.54 -20.15 -29.04
N LEU C 128 8.64 -19.50 -29.43
CA LEU C 128 8.57 -18.20 -30.10
C LEU C 128 8.13 -18.31 -31.55
N ALA C 129 8.37 -19.46 -32.18
CA ALA C 129 7.92 -19.64 -33.55
C ALA C 129 6.39 -19.74 -33.47
N CYS C 130 5.94 -20.50 -32.48
CA CYS C 130 4.51 -20.72 -32.18
C CYS C 130 3.79 -19.38 -32.04
N GLY C 131 4.24 -18.62 -31.05
CA GLY C 131 3.67 -17.33 -30.75
C GLY C 131 3.40 -16.53 -31.99
N VAL C 132 4.38 -16.50 -32.88
CA VAL C 132 4.24 -15.74 -34.12
C VAL C 132 3.16 -16.37 -35.00
N ALA C 133 3.19 -17.69 -35.09
CA ALA C 133 2.21 -18.41 -35.91
C ALA C 133 0.79 -18.14 -35.46
N LEU C 134 0.58 -18.08 -34.14
CA LEU C 134 -0.74 -17.84 -33.59
C LEU C 134 -1.10 -16.38 -33.74
N GLY C 135 -0.09 -15.56 -33.94
CA GLY C 135 -0.30 -14.14 -34.09
C GLY C 135 -0.15 -13.41 -32.78
N ALA C 136 0.30 -14.13 -31.77
CA ALA C 136 0.49 -13.60 -30.42
C ALA C 136 1.69 -12.65 -30.37
N LEU C 137 2.66 -12.87 -31.27
CA LEU C 137 3.86 -12.05 -31.36
C LEU C 137 4.00 -11.45 -32.75
N ARG C 138 4.68 -10.31 -32.86
CA ARG C 138 4.87 -9.73 -34.17
C ARG C 138 5.86 -10.62 -34.94
N SER C 139 5.63 -10.79 -36.23
CA SER C 139 6.54 -11.62 -37.01
C SER C 139 8.00 -11.17 -36.85
N ASN C 140 8.21 -9.89 -36.57
CA ASN C 140 9.57 -9.36 -36.39
C ASN C 140 9.78 -8.93 -34.93
N TYR C 141 9.28 -9.73 -33.99
CA TYR C 141 9.44 -9.43 -32.58
C TYR C 141 10.91 -9.26 -32.22
N GLU C 142 11.15 -8.53 -31.12
CA GLU C 142 12.50 -8.29 -30.67
C GLU C 142 12.75 -8.94 -29.31
N VAL C 143 13.89 -9.61 -29.18
CA VAL C 143 14.30 -10.31 -27.96
C VAL C 143 15.26 -9.51 -27.09
N LYS C 144 14.91 -9.31 -25.83
CA LYS C 144 15.77 -8.59 -24.91
C LYS C 144 16.17 -9.52 -23.78
N GLY C 145 17.30 -9.23 -23.15
CA GLY C 145 17.71 -10.03 -22.02
C GLY C 145 17.17 -9.29 -20.80
N HIS C 146 16.81 -10.04 -19.77
CA HIS C 146 16.28 -9.41 -18.58
C HIS C 146 17.18 -8.28 -18.10
N ARG C 147 18.49 -8.47 -18.19
CA ARG C 147 19.43 -7.43 -17.72
C ARG C 147 19.50 -6.21 -18.63
N ASP C 148 18.91 -6.30 -19.82
CA ASP C 148 18.91 -5.17 -20.73
C ASP C 148 17.78 -4.21 -20.41
N VAL C 149 16.86 -4.65 -19.56
CA VAL C 149 15.70 -3.84 -19.20
C VAL C 149 15.54 -3.58 -17.70
N GLN C 150 16.27 -4.33 -16.89
CA GLN C 150 16.22 -4.15 -15.44
C GLN C 150 17.58 -4.51 -14.85
N PRO C 151 17.89 -3.98 -13.66
CA PRO C 151 19.17 -4.28 -13.02
C PRO C 151 19.16 -5.69 -12.42
N THR C 152 19.81 -6.63 -13.09
CA THR C 152 19.84 -8.01 -12.60
C THR C 152 20.86 -8.84 -13.35
N LEU C 153 21.27 -9.96 -12.77
CA LEU C 153 22.22 -10.85 -13.44
C LEU C 153 21.44 -11.68 -14.46
N SER C 154 20.14 -11.83 -14.17
CA SER C 154 19.22 -12.56 -15.03
C SER C 154 19.44 -12.00 -16.44
N PRO C 155 19.44 -12.86 -17.48
CA PRO C 155 19.22 -14.31 -17.55
C PRO C 155 20.40 -15.23 -17.20
N GLY C 156 21.55 -14.65 -16.87
CA GLY C 156 22.72 -15.46 -16.56
C GLY C 156 23.72 -15.14 -17.66
N ASP C 157 25.00 -15.13 -17.32
CA ASP C 157 26.07 -14.80 -18.27
C ASP C 157 26.12 -15.67 -19.53
N ARG C 158 26.18 -16.98 -19.33
CA ARG C 158 26.24 -17.95 -20.41
C ARG C 158 24.97 -17.87 -21.25
N LEU C 159 23.82 -17.83 -20.58
CA LEU C 159 22.56 -17.74 -21.32
C LEU C 159 22.44 -16.36 -21.97
N TYR C 160 22.86 -15.31 -21.27
CA TYR C 160 22.79 -13.97 -21.86
C TYR C 160 23.66 -14.03 -23.10
N GLU C 161 24.76 -14.76 -22.98
CA GLU C 161 25.72 -14.92 -24.07
C GLU C 161 25.05 -15.54 -25.29
N ILE C 162 24.25 -16.59 -25.06
CA ILE C 162 23.57 -17.27 -26.13
C ILE C 162 22.47 -16.44 -26.79
N ILE C 163 21.61 -15.81 -25.99
CA ILE C 163 20.52 -15.03 -26.58
C ILE C 163 20.96 -13.82 -27.40
N GLN C 164 22.20 -13.36 -27.21
CA GLN C 164 22.68 -12.20 -27.98
C GLN C 164 23.01 -12.57 -29.43
N THR C 165 23.10 -13.86 -29.71
CA THR C 165 23.43 -14.30 -31.07
C THR C 165 22.18 -14.52 -31.94
N TRP C 166 21.03 -14.66 -31.27
CA TRP C 166 19.73 -14.90 -31.90
C TRP C 166 19.30 -13.86 -32.96
N SER C 167 18.68 -14.35 -34.03
CA SER C 167 18.20 -13.51 -35.13
C SER C 167 17.38 -12.32 -34.63
N HIS C 168 16.39 -12.57 -33.80
CA HIS C 168 15.52 -11.50 -33.29
C HIS C 168 16.07 -10.69 -32.13
N TYR C 169 17.27 -11.00 -31.64
CA TYR C 169 17.80 -10.23 -30.52
C TYR C 169 18.01 -8.77 -30.92
N ARG C 170 17.76 -7.84 -30.00
CA ARG C 170 17.92 -6.42 -30.27
C ARG C 170 18.66 -5.69 -29.15
N ALA C 171 19.82 -5.13 -29.53
CA ALA C 171 20.75 -4.38 -28.61
C ALA C 171 20.08 -3.87 -27.28
N GLU D 1 20.18 15.52 20.45
CA GLU D 1 20.34 16.86 21.01
C GLU D 1 20.75 17.92 19.93
N ASP D 2 20.84 17.47 18.68
CA ASP D 2 21.20 18.30 17.55
C ASP D 2 20.63 17.65 16.29
N PRO D 3 20.70 18.34 15.16
CA PRO D 3 20.09 17.87 13.91
C PRO D 3 20.94 17.02 12.95
N PRO D 4 22.09 17.54 12.55
CA PRO D 4 22.93 16.83 11.61
C PRO D 4 23.73 15.95 12.47
N ALA D 5 23.01 15.23 13.31
CA ALA D 5 23.62 14.45 14.36
C ALA D 5 23.98 13.16 13.73
N CYS D 6 23.77 13.11 12.42
CA CYS D 6 23.90 11.86 11.71
C CYS D 6 24.67 11.65 10.41
N GLY D 7 25.18 10.43 10.35
CA GLY D 7 25.94 9.86 9.26
C GLY D 7 26.81 10.69 8.36
N SER D 8 27.89 10.05 7.93
CA SER D 8 28.81 10.63 6.99
C SER D 8 28.39 9.98 5.71
N ILE D 9 28.28 10.76 4.65
CA ILE D 9 27.85 10.20 3.39
C ILE D 9 28.67 10.87 2.30
N VAL D 10 29.26 10.06 1.43
CA VAL D 10 30.05 10.58 0.34
C VAL D 10 28.98 11.21 -0.51
N PRO D 11 29.12 12.50 -0.83
CA PRO D 11 28.10 13.13 -1.66
C PRO D 11 28.25 12.76 -3.13
N ARG D 12 27.22 13.04 -3.93
CA ARG D 12 27.29 12.71 -5.35
C ARG D 12 28.60 13.24 -5.95
N ARG D 13 28.80 14.56 -5.92
CA ARG D 13 30.01 15.18 -6.44
C ARG D 13 31.24 14.35 -6.10
N GLU D 14 31.41 14.09 -4.81
CA GLU D 14 32.57 13.31 -4.38
C GLU D 14 32.77 11.99 -5.11
N TRP D 15 31.69 11.38 -5.63
CA TRP D 15 31.90 10.13 -6.37
C TRP D 15 31.67 10.31 -7.89
N ARG D 16 31.53 11.56 -8.32
CA ARG D 16 31.36 11.92 -9.72
C ARG D 16 30.05 11.56 -10.40
N ALA D 17 29.02 11.27 -9.62
CA ALA D 17 27.71 10.92 -10.16
C ALA D 17 27.34 11.83 -11.33
N LEU D 18 26.47 11.35 -12.21
CA LEU D 18 26.01 12.14 -13.33
C LEU D 18 24.83 12.87 -12.70
N ALA D 19 24.54 14.08 -13.16
CA ALA D 19 23.40 14.80 -12.59
C ALA D 19 22.15 13.94 -12.60
N SER D 20 21.41 13.99 -11.50
CA SER D 20 20.19 13.24 -11.38
C SER D 20 19.12 13.95 -12.21
N GLU D 21 18.23 13.19 -12.83
CA GLU D 21 17.19 13.81 -13.64
C GLU D 21 15.81 13.44 -13.11
N CYS D 22 15.82 12.71 -12.01
CA CYS D 22 14.60 12.26 -11.37
C CYS D 22 13.91 13.42 -10.66
N ARG D 23 12.58 13.36 -10.49
CA ARG D 23 11.84 14.41 -9.78
C ARG D 23 10.75 13.83 -8.87
N GLU D 24 10.23 12.64 -9.18
CA GLU D 24 9.20 12.08 -8.31
C GLU D 24 9.75 11.99 -6.90
N ARG D 25 9.00 12.54 -5.93
CA ARG D 25 9.43 12.58 -4.54
C ARG D 25 8.72 11.61 -3.59
N LEU D 26 9.44 11.24 -2.54
CA LEU D 26 8.91 10.37 -1.51
C LEU D 26 8.24 11.25 -0.45
N THR D 27 7.29 10.68 0.26
CA THR D 27 6.59 11.43 1.30
C THR D 27 7.19 11.06 2.65
N ARG D 28 7.79 12.01 3.36
CA ARG D 28 8.35 11.66 4.66
C ARG D 28 7.34 11.85 5.77
N PRO D 29 7.44 11.03 6.83
CA PRO D 29 8.43 9.96 7.02
C PRO D 29 8.18 8.71 6.19
N VAL D 30 9.26 8.05 5.78
CA VAL D 30 9.17 6.84 4.99
C VAL D 30 9.00 5.71 5.99
N ARG D 31 8.17 4.73 5.64
CA ARG D 31 7.89 3.60 6.52
C ARG D 31 8.74 2.35 6.28
N TYR D 32 9.07 2.07 5.02
CA TYR D 32 9.85 0.89 4.68
C TYR D 32 11.23 1.13 4.12
N VAL D 33 12.10 0.14 4.33
CA VAL D 33 13.46 0.16 3.84
C VAL D 33 13.69 -1.20 3.24
N VAL D 34 14.24 -1.21 2.03
CA VAL D 34 14.52 -2.45 1.33
C VAL D 34 16.02 -2.58 1.12
N VAL D 35 16.56 -3.72 1.57
CA VAL D 35 17.98 -3.99 1.44
C VAL D 35 18.24 -4.92 0.27
N SER D 36 19.05 -4.45 -0.66
CA SER D 36 19.42 -5.20 -1.84
C SER D 36 20.93 -5.33 -1.86
N HIS D 37 21.46 -5.85 -2.96
CA HIS D 37 22.89 -5.98 -3.13
C HIS D 37 23.04 -5.83 -4.62
N THR D 38 24.12 -5.18 -5.05
CA THR D 38 24.35 -4.94 -6.48
C THR D 38 24.62 -6.21 -7.25
N ALA D 39 24.96 -7.27 -6.55
CA ALA D 39 25.22 -8.56 -7.19
C ALA D 39 26.47 -8.52 -8.03
N GLY D 40 27.08 -7.34 -8.13
CA GLY D 40 28.30 -7.20 -8.91
C GLY D 40 29.52 -7.47 -8.03
N SER D 41 30.62 -6.78 -8.33
CA SER D 41 31.88 -6.91 -7.60
C SER D 41 31.94 -5.96 -6.39
N HIS D 42 32.80 -6.28 -5.41
CA HIS D 42 32.92 -5.44 -4.21
C HIS D 42 34.13 -4.48 -4.27
N CYS D 43 34.08 -3.43 -3.44
CA CYS D 43 35.12 -2.42 -3.38
C CYS D 43 35.45 -2.24 -1.91
N ASP D 44 36.72 -2.13 -1.55
CA ASP D 44 37.03 -1.97 -0.13
C ASP D 44 37.89 -0.75 0.25
N THR D 45 37.87 0.26 -0.61
CA THR D 45 38.60 1.50 -0.38
C THR D 45 37.81 2.62 -1.00
N PRO D 46 37.94 3.84 -0.45
CA PRO D 46 37.23 5.02 -0.95
C PRO D 46 37.47 5.10 -2.44
N ALA D 47 38.69 4.75 -2.80
CA ALA D 47 39.16 4.74 -4.19
C ALA D 47 38.29 3.86 -5.08
N SER D 48 38.27 2.56 -4.77
CA SER D 48 37.49 1.64 -5.56
C SER D 48 35.98 1.77 -5.37
N CYS D 49 35.51 2.12 -4.16
CA CYS D 49 34.07 2.24 -3.95
C CYS D 49 33.47 3.44 -4.66
N ALA D 50 34.24 4.51 -4.79
CA ALA D 50 33.73 5.68 -5.47
C ALA D 50 33.70 5.40 -6.96
N GLN D 51 34.51 4.44 -7.41
CA GLN D 51 34.52 4.07 -8.82
C GLN D 51 33.32 3.14 -9.07
N GLN D 52 33.09 2.21 -8.15
CA GLN D 52 31.99 1.25 -8.26
C GLN D 52 30.68 2.02 -8.40
N ALA D 53 30.39 2.83 -7.38
CA ALA D 53 29.20 3.67 -7.34
C ALA D 53 28.90 4.19 -8.75
N GLN D 54 29.94 4.72 -9.38
CA GLN D 54 29.87 5.27 -10.73
C GLN D 54 29.44 4.21 -11.77
N ASN D 55 30.05 3.04 -11.73
CA ASN D 55 29.72 1.98 -12.66
C ASN D 55 28.23 1.67 -12.57
N VAL D 56 27.78 1.39 -11.36
CA VAL D 56 26.39 1.10 -11.09
C VAL D 56 25.48 2.17 -11.72
N GLN D 57 25.70 3.43 -11.37
CA GLN D 57 24.88 4.49 -11.92
C GLN D 57 24.90 4.50 -13.44
N SER D 58 26.08 4.22 -14.01
CA SER D 58 26.26 4.17 -15.46
C SER D 58 25.35 3.11 -16.07
N TYR D 59 25.30 1.93 -15.46
CA TYR D 59 24.45 0.86 -15.98
C TYR D 59 22.99 1.31 -15.98
N HIS D 60 22.51 1.68 -14.81
CA HIS D 60 21.13 2.15 -14.65
C HIS D 60 20.76 3.32 -15.57
N VAL D 61 21.64 4.31 -15.70
CA VAL D 61 21.35 5.48 -16.54
C VAL D 61 21.62 5.33 -18.03
N ARG D 62 22.82 4.86 -18.37
CA ARG D 62 23.20 4.66 -19.78
C ARG D 62 22.54 3.42 -20.40
N ASN D 63 22.74 2.27 -19.78
CA ASN D 63 22.17 1.02 -20.26
C ASN D 63 20.65 0.99 -20.20
N LEU D 64 20.12 1.19 -18.99
CA LEU D 64 18.67 1.15 -18.76
C LEU D 64 17.88 2.40 -19.07
N GLY D 65 18.54 3.50 -19.42
CA GLY D 65 17.82 4.73 -19.72
C GLY D 65 16.98 5.27 -18.58
N TRP D 66 17.54 5.23 -17.37
CA TRP D 66 16.84 5.70 -16.17
C TRP D 66 17.26 7.12 -15.79
N CYS D 67 16.43 7.79 -14.99
CA CYS D 67 16.71 9.18 -14.58
C CYS D 67 17.93 9.34 -13.65
N ASP D 68 18.27 8.29 -12.91
CA ASP D 68 19.44 8.28 -12.02
C ASP D 68 19.61 6.90 -11.42
N VAL D 69 20.81 6.58 -10.92
CA VAL D 69 21.05 5.27 -10.31
C VAL D 69 19.81 4.90 -9.48
N GLY D 70 19.43 3.63 -9.51
CA GLY D 70 18.23 3.16 -8.83
C GLY D 70 18.10 3.24 -7.32
N TYR D 71 19.19 3.03 -6.59
CA TYR D 71 19.14 3.06 -5.13
C TYR D 71 19.15 4.47 -4.53
N ASN D 72 18.57 4.59 -3.34
CA ASN D 72 18.51 5.86 -2.63
C ASN D 72 19.87 6.06 -1.95
N PHE D 73 20.52 4.96 -1.59
CA PHE D 73 21.83 4.98 -0.94
C PHE D 73 22.53 3.65 -1.20
N LEU D 74 23.86 3.70 -1.39
CA LEU D 74 24.67 2.49 -1.62
C LEU D 74 25.67 2.38 -0.49
N ILE D 75 26.02 1.16 -0.09
CA ILE D 75 26.97 0.91 0.99
C ILE D 75 28.21 0.21 0.47
N GLY D 76 29.37 0.81 0.71
CA GLY D 76 30.60 0.21 0.23
C GLY D 76 31.26 -0.61 1.31
N GLU D 77 32.19 -1.46 0.93
CA GLU D 77 32.91 -2.27 1.91
C GLU D 77 34.07 -1.44 2.44
N ASP D 78 34.12 -0.19 1.99
CA ASP D 78 35.14 0.73 2.42
C ASP D 78 34.60 1.38 3.71
N GLY D 79 33.35 1.03 4.04
CA GLY D 79 32.69 1.51 5.24
C GLY D 79 31.96 2.84 5.10
N LEU D 80 31.81 3.34 3.88
CA LEU D 80 31.13 4.60 3.67
C LEU D 80 29.81 4.39 2.96
N VAL D 81 28.92 5.37 3.10
CA VAL D 81 27.63 5.33 2.45
C VAL D 81 27.78 6.25 1.26
N TYR D 82 27.16 5.89 0.15
CA TYR D 82 27.25 6.70 -1.04
C TYR D 82 25.88 7.23 -1.37
N GLU D 83 25.76 8.55 -1.40
CA GLU D 83 24.49 9.17 -1.71
C GLU D 83 23.95 8.59 -3.00
N GLY D 84 22.67 8.23 -3.01
CA GLY D 84 22.05 7.68 -4.20
C GLY D 84 21.04 8.68 -4.68
N ARG D 85 19.76 8.34 -4.59
CA ARG D 85 18.74 9.29 -4.99
C ARG D 85 18.40 10.09 -3.72
N GLY D 86 18.83 9.53 -2.57
CA GLY D 86 18.64 10.17 -1.28
C GLY D 86 17.40 9.83 -0.50
N TRP D 87 17.10 10.68 0.49
CA TRP D 87 15.94 10.54 1.36
C TRP D 87 14.61 11.03 0.77
N ASN D 88 14.67 12.05 -0.09
CA ASN D 88 13.46 12.65 -0.66
C ASN D 88 13.00 12.24 -2.06
N ILE D 89 13.81 11.48 -2.81
CA ILE D 89 13.41 11.10 -4.16
C ILE D 89 13.06 9.61 -4.36
N LYS D 90 11.96 9.34 -5.06
CA LYS D 90 11.54 7.95 -5.31
C LYS D 90 12.56 7.19 -6.16
N GLY D 91 13.05 6.09 -5.61
CA GLY D 91 14.05 5.29 -6.31
C GLY D 91 13.45 4.19 -7.15
N ALA D 92 14.31 3.56 -7.95
CA ALA D 92 13.94 2.44 -8.81
C ALA D 92 14.78 1.28 -8.33
N HIS D 93 14.29 0.55 -7.34
CA HIS D 93 15.04 -0.55 -6.77
C HIS D 93 14.21 -1.77 -6.40
N ALA D 94 12.90 -1.60 -6.30
CA ALA D 94 12.06 -2.74 -5.89
C ALA D 94 10.64 -2.81 -6.48
N GLY D 95 10.47 -2.37 -7.73
CA GLY D 95 9.15 -2.44 -8.33
C GLY D 95 8.23 -1.30 -7.92
N PRO D 96 7.13 -1.11 -8.68
CA PRO D 96 6.10 -0.06 -8.49
C PRO D 96 5.29 -0.05 -7.19
N THR D 97 5.27 -1.16 -6.44
CA THR D 97 4.51 -1.17 -5.18
C THR D 97 5.30 -0.57 -4.01
N TRP D 98 6.60 -0.87 -3.98
CA TRP D 98 7.46 -0.41 -2.90
C TRP D 98 8.32 0.81 -3.16
N ASN D 99 8.74 1.04 -4.41
CA ASN D 99 9.57 2.20 -4.69
C ASN D 99 8.98 3.50 -4.15
N PRO D 100 7.66 3.70 -4.29
CA PRO D 100 7.10 4.94 -3.77
C PRO D 100 6.77 5.01 -2.28
N ILE D 101 7.15 4.00 -1.52
CA ILE D 101 6.92 4.02 -0.08
C ILE D 101 8.10 3.47 0.69
N SER D 102 9.28 3.52 0.09
CA SER D 102 10.45 3.02 0.80
C SER D 102 11.76 3.63 0.38
N ILE D 103 12.77 3.32 1.17
CA ILE D 103 14.13 3.78 0.92
C ILE D 103 14.89 2.55 0.53
N GLY D 104 15.49 2.56 -0.65
CA GLY D 104 16.23 1.39 -1.04
C GLY D 104 17.72 1.60 -0.83
N ILE D 105 18.35 0.74 -0.04
CA ILE D 105 19.78 0.85 0.18
C ILE D 105 20.46 -0.41 -0.33
N SER D 106 21.52 -0.24 -1.10
CA SER D 106 22.22 -1.39 -1.68
C SER D 106 23.70 -1.55 -1.27
N PHE D 107 24.06 -2.77 -0.85
CA PHE D 107 25.45 -3.08 -0.48
C PHE D 107 26.18 -3.41 -1.79
N MET D 108 27.25 -2.69 -2.09
CA MET D 108 27.98 -2.93 -3.33
C MET D 108 28.80 -4.21 -3.29
N GLY D 109 28.26 -5.23 -3.97
CA GLY D 109 28.92 -6.52 -4.04
C GLY D 109 27.90 -7.62 -4.25
N ASN D 110 28.30 -8.85 -4.00
CA ASN D 110 27.43 -10.02 -4.14
C ASN D 110 27.65 -10.84 -2.87
N TYR D 111 26.63 -10.92 -2.03
CA TYR D 111 26.72 -11.61 -0.75
C TYR D 111 25.97 -12.93 -0.66
N MET D 112 25.96 -13.67 -1.78
CA MET D 112 25.29 -14.97 -1.80
C MET D 112 26.08 -15.93 -0.93
N ASN D 113 27.40 -15.85 -1.03
CA ASN D 113 28.26 -16.72 -0.26
C ASN D 113 29.42 -16.01 0.46
N ARG D 114 29.15 -14.82 0.98
CA ARG D 114 30.13 -14.01 1.71
C ARG D 114 29.31 -12.90 2.37
N VAL D 115 29.76 -12.44 3.54
CA VAL D 115 29.04 -11.38 4.25
C VAL D 115 29.78 -10.06 4.19
N PRO D 116 29.05 -8.94 4.30
CA PRO D 116 29.69 -7.63 4.26
C PRO D 116 30.58 -7.49 5.51
N PRO D 117 31.66 -6.69 5.41
CA PRO D 117 32.56 -6.51 6.57
C PRO D 117 31.85 -5.69 7.65
N PRO D 118 32.10 -6.00 8.93
CA PRO D 118 31.48 -5.30 10.05
C PRO D 118 31.24 -3.80 9.85
N ARG D 119 32.20 -3.10 9.25
CA ARG D 119 32.03 -1.68 9.03
C ARG D 119 30.99 -1.38 7.96
N ALA D 120 30.70 -2.34 7.10
CA ALA D 120 29.71 -2.12 6.06
C ALA D 120 28.34 -2.13 6.71
N LEU D 121 28.19 -3.01 7.71
CA LEU D 121 26.94 -3.13 8.43
C LEU D 121 26.74 -1.95 9.36
N ARG D 122 27.82 -1.44 9.95
CA ARG D 122 27.69 -0.30 10.85
C ARG D 122 27.26 0.88 10.03
N ALA D 123 27.89 1.04 8.89
CA ALA D 123 27.58 2.14 8.00
C ALA D 123 26.09 2.15 7.68
N ALA D 124 25.53 0.98 7.41
CA ALA D 124 24.13 0.85 7.05
C ALA D 124 23.18 1.11 8.20
N GLN D 125 23.44 0.51 9.35
CA GLN D 125 22.56 0.71 10.47
C GLN D 125 22.64 2.16 10.97
N ASN D 126 23.83 2.73 10.92
CA ASN D 126 24.04 4.12 11.34
C ASN D 126 23.19 5.03 10.44
N LEU D 127 23.25 4.77 9.14
CA LEU D 127 22.50 5.53 8.14
C LEU D 127 20.99 5.52 8.41
N LEU D 128 20.46 4.38 8.82
CA LEU D 128 19.05 4.29 9.10
C LEU D 128 18.73 5.06 10.37
N ALA D 129 19.60 4.98 11.37
CA ALA D 129 19.35 5.73 12.59
C ALA D 129 19.32 7.21 12.17
N CYS D 130 20.18 7.55 11.22
CA CYS D 130 20.29 8.90 10.63
C CYS D 130 18.89 9.26 10.15
N GLY D 131 18.41 8.42 9.24
CA GLY D 131 17.11 8.61 8.63
C GLY D 131 16.03 8.90 9.64
N VAL D 132 16.04 8.17 10.75
CA VAL D 132 15.03 8.36 11.78
C VAL D 132 15.21 9.68 12.50
N ALA D 133 16.46 9.98 12.82
CA ALA D 133 16.80 11.21 13.51
C ALA D 133 16.31 12.39 12.69
N LEU D 134 16.40 12.26 11.37
CA LEU D 134 15.99 13.31 10.44
C LEU D 134 14.51 13.41 10.17
N GLY D 135 13.75 12.40 10.59
CA GLY D 135 12.32 12.41 10.32
C GLY D 135 12.08 12.00 8.86
N ALA D 136 13.10 11.39 8.27
CA ALA D 136 13.00 10.92 6.91
C ALA D 136 12.37 9.54 6.96
N LEU D 137 12.60 8.84 8.06
CA LEU D 137 12.06 7.51 8.26
C LEU D 137 11.16 7.52 9.50
N ARG D 138 10.24 6.57 9.60
CA ARG D 138 9.37 6.51 10.75
C ARG D 138 10.16 5.85 11.84
N SER D 139 9.92 6.23 13.08
CA SER D 139 10.66 5.62 14.18
C SER D 139 10.46 4.11 14.09
N ASN D 140 9.24 3.70 13.78
CA ASN D 140 8.95 2.29 13.69
C ASN D 140 8.93 1.80 12.22
N TYR D 141 10.02 2.09 11.49
CA TYR D 141 10.09 1.66 10.10
C TYR D 141 10.34 0.16 10.05
N GLU D 142 10.20 -0.41 8.86
CA GLU D 142 10.41 -1.84 8.65
C GLU D 142 11.47 -2.11 7.59
N VAL D 143 12.33 -3.10 7.84
CA VAL D 143 13.34 -3.46 6.86
C VAL D 143 12.84 -4.70 6.14
N LYS D 144 13.07 -4.75 4.84
CA LYS D 144 12.64 -5.88 4.04
C LYS D 144 13.85 -6.28 3.21
N GLY D 145 13.87 -7.55 2.81
CA GLY D 145 14.96 -8.00 1.98
C GLY D 145 14.41 -7.75 0.58
N HIS D 146 15.28 -7.43 -0.36
CA HIS D 146 14.84 -7.21 -1.71
C HIS D 146 14.02 -8.44 -2.14
N ARG D 147 14.50 -9.64 -1.82
CA ARG D 147 13.84 -10.88 -2.19
C ARG D 147 12.52 -11.11 -1.46
N ASP D 148 12.15 -10.18 -0.58
CA ASP D 148 10.88 -10.32 0.14
C ASP D 148 9.74 -9.61 -0.56
N VAL D 149 10.08 -8.79 -1.55
CA VAL D 149 9.07 -8.01 -2.25
C VAL D 149 9.24 -8.07 -3.76
N GLN D 150 10.33 -8.69 -4.19
CA GLN D 150 10.64 -8.85 -5.60
C GLN D 150 11.16 -10.26 -5.76
N PRO D 151 11.09 -10.82 -6.97
CA PRO D 151 11.62 -12.17 -7.14
C PRO D 151 13.07 -11.94 -7.51
N THR D 152 13.98 -12.29 -6.61
CA THR D 152 15.39 -12.08 -6.87
C THR D 152 16.13 -12.72 -5.73
N LEU D 153 17.42 -12.97 -5.96
CA LEU D 153 18.25 -13.58 -4.93
C LEU D 153 18.76 -12.49 -3.99
N SER D 154 18.66 -11.24 -4.44
CA SER D 154 19.07 -10.09 -3.66
C SER D 154 18.37 -10.15 -2.33
N PRO D 155 19.04 -9.75 -1.23
CA PRO D 155 20.41 -9.23 -1.14
C PRO D 155 21.50 -10.25 -0.85
N GLY D 156 21.35 -11.46 -1.37
CA GLY D 156 22.34 -12.50 -1.13
C GLY D 156 22.00 -13.24 0.15
N ASP D 157 22.19 -14.56 0.12
CA ASP D 157 21.91 -15.46 1.25
C ASP D 157 22.45 -15.06 2.62
N ARG D 158 23.71 -14.66 2.66
CA ARG D 158 24.37 -14.27 3.89
C ARG D 158 23.76 -13.00 4.47
N LEU D 159 23.78 -11.95 3.66
CA LEU D 159 23.22 -10.68 4.06
C LEU D 159 21.76 -10.84 4.47
N TYR D 160 20.97 -11.52 3.66
CA TYR D 160 19.55 -11.74 3.99
C TYR D 160 19.46 -12.31 5.41
N GLU D 161 20.33 -13.27 5.71
CA GLU D 161 20.35 -13.91 7.02
C GLU D 161 20.66 -12.87 8.09
N ILE D 162 21.65 -12.02 7.82
CA ILE D 162 22.03 -10.99 8.77
C ILE D 162 20.92 -9.98 9.01
N ILE D 163 20.42 -9.33 7.95
CA ILE D 163 19.38 -8.33 8.15
C ILE D 163 18.13 -8.89 8.80
N GLN D 164 17.93 -10.20 8.66
CA GLN D 164 16.76 -10.84 9.26
C GLN D 164 16.78 -10.80 10.78
N THR D 165 17.93 -10.44 11.36
CA THR D 165 18.06 -10.35 12.81
C THR D 165 17.93 -8.92 13.31
N TRP D 166 17.72 -8.00 12.38
CA TRP D 166 17.62 -6.59 12.71
C TRP D 166 16.35 -6.20 13.45
N SER D 167 16.50 -5.27 14.38
CA SER D 167 15.41 -4.76 15.19
C SER D 167 14.19 -4.35 14.35
N HIS D 168 14.41 -3.77 13.19
CA HIS D 168 13.28 -3.35 12.38
C HIS D 168 12.90 -4.28 11.24
N TYR D 169 13.36 -5.53 11.28
CA TYR D 169 13.02 -6.44 10.20
C TYR D 169 11.59 -6.94 10.35
N ARG D 170 10.93 -7.17 9.22
CA ARG D 170 9.55 -7.65 9.19
C ARG D 170 9.27 -8.14 7.77
N ALA D 171 9.11 -9.46 7.61
CA ALA D 171 8.88 -10.07 6.29
C ALA D 171 7.51 -9.82 5.67
#